data_6A0Z
#
_entry.id   6A0Z
#
_cell.length_a   72.245
_cell.length_b   72.665
_cell.length_c   76.704
_cell.angle_alpha   90.00
_cell.angle_beta   93.37
_cell.angle_gamma   90.00
#
_symmetry.space_group_name_H-M   'P 1 21 1'
#
loop_
_entity.id
_entity.type
_entity.pdbx_description
1 polymer 'Hemagglutinin,Envelope glycoprotein'
2 polymer 'Antibody 13D4, Fab Heavy Chain'
3 polymer 'Antibody 13D4, Fab Light Chain'
4 non-polymer 2-acetamido-2-deoxy-beta-D-glucopyranose
5 water water
#
loop_
_entity_poly.entity_id
_entity_poly.type
_entity_poly.pdbx_seq_one_letter_code
_entity_poly.pdbx_strand_id
1 'polypeptide(L)'
;MDQICIGYHANNSTEQVDTIMEKNVTVTHAQDILEKTHNGKLCDLDGVKPLILRDCSVAGWLLGNPMCDEFINVPEWSYI
VEKANPVNDLCYPGDFNDYEELKHLLSRINHFEKIQIIPKSSWSSHEASLGVSSACPYQGKSSFFRNVVWLIKKNSTYPT
IKRSYNNTNQEDLLVLWGIHHPNDAAEQTKLYQNPTTYISVGTSTLNQRLVPRIATRSKVNGQSGRMEFFWTILKPNDAI
NFESNGNFIAPEYAYKIVKKGDSTIMKSELEYGNCNTKCQTPMGAINSSMPFHNIHPLTIGECPKYVKSNRLVLATGLRN
SPQRERRRKKRGLFGAIAGFIEGGWQGMVDGWYGYHHSNEQGSGYAADKESTQKAIDGVTNKVNSIIDKMNTQFEAVGRE
FNNLERRIENLNKKMEDGFLDVWTYNAELLVLMENERTLDFHDSNVKNLYDKVRLQLRDNAKELGNGCFEFYHKCDNECM
ESVRNGTYDYPQYSEEARLKREEISSGRLVPRGSPGSGYIPEAPRDGQAYVRKDGEWVLLSTFLGHHHHHH
;
A
2 'polypeptide(L)'
;(PCA)VQLQQSGAELMKPGASVKISCKATGYTFSGHWIEWVKQRPGHGLEWIGEILPGSGNIHYNEKFKGKATFAADTSS
NTAYMQLSSLTSEDSAVYYCARLGTTAVERDWYFDVWGAGTTVTVSLADPSAPSVYPLAPVCGDTTGSSVTLGCLVKGYF
PEPVTLTWNSGSLSSGVHTFPAVLQSDLYTLSSSVTVTSSTWPSQSITCNVAHPASSTKVDKKIEPRG
;
H
3 'polypeptide(L)'
;DIVMTQSQKFMSASVGDRVSVTCKASQNVGTHLAWYQQKPGQSPKALIYSASYRYSGVPDRFTGSGSGTDFTLTISNVQS
GDLADYFCQQYNNFPLTFGAGTKLEIKRADAAPTVSIFPPSSEQLTSGGASVVCFLNNFYPKDINVKWKIDGSERQNGVL
NSWTDQDSKDSTYSMSSTLTLTRDEYERHNSYTCEATHKTSTSPIVKSFNRNEC
;
L
#
loop_
_chem_comp.id
_chem_comp.type
_chem_comp.name
_chem_comp.formula
NAG D-saccharide, beta linking 2-acetamido-2-deoxy-beta-D-glucopyranose 'C8 H15 N O6'
#
# COMPACT_ATOMS: atom_id res chain seq x y z
N HIS A 38 -18.44 50.25 31.98
CA HIS A 38 -17.89 50.33 30.63
C HIS A 38 -16.55 49.64 30.54
N ASN A 39 -16.16 49.31 29.31
CA ASN A 39 -14.88 48.65 29.08
C ASN A 39 -14.46 48.89 27.65
N GLY A 40 -13.23 48.46 27.34
CA GLY A 40 -12.69 48.54 26.00
C GLY A 40 -12.49 47.17 25.39
N LYS A 41 -11.38 46.53 25.75
CA LYS A 41 -11.08 45.19 25.25
C LYS A 41 -10.11 44.53 26.23
N LEU A 42 -9.28 43.62 25.72
CA LEU A 42 -8.24 42.97 26.50
C LEU A 42 -6.96 43.78 26.35
N CYS A 43 -6.51 44.40 27.44
CA CYS A 43 -5.41 45.36 27.40
C CYS A 43 -4.19 44.83 28.13
N ASP A 44 -3.17 45.67 28.22
CA ASP A 44 -1.97 45.39 28.98
C ASP A 44 -2.18 45.75 30.44
N LEU A 45 -1.42 45.09 31.32
CA LEU A 45 -1.54 45.29 32.76
C LEU A 45 -0.26 45.92 33.29
N ASP A 46 -0.40 47.08 33.93
CA ASP A 46 0.73 47.79 34.54
C ASP A 46 1.76 48.02 33.45
N GLY A 47 3.00 47.54 33.58
CA GLY A 47 4.00 47.69 32.54
C GLY A 47 4.28 46.39 31.82
N VAL A 48 3.70 45.29 32.29
CA VAL A 48 3.95 43.96 31.75
C VAL A 48 2.77 43.53 30.89
N LYS A 49 3.06 43.17 29.64
CA LYS A 49 2.05 42.72 28.69
C LYS A 49 1.66 41.25 28.97
N PRO A 50 0.40 40.89 28.78
CA PRO A 50 -0.01 39.51 29.01
C PRO A 50 0.47 38.57 27.91
N LEU A 51 0.43 37.27 28.23
CA LEU A 51 0.64 36.21 27.25
C LEU A 51 -0.72 35.83 26.67
N ILE A 52 -0.92 36.10 25.39
CA ILE A 52 -2.20 35.87 24.72
C ILE A 52 -2.03 34.64 23.83
N LEU A 53 -2.53 33.51 24.30
CA LEU A 53 -2.58 32.29 23.49
C LEU A 53 -3.71 32.44 22.48
N ARG A 54 -3.39 32.31 21.20
CA ARG A 54 -4.33 32.56 20.11
C ARG A 54 -4.70 31.22 19.48
N ASP A 55 -5.88 30.73 19.79
CA ASP A 55 -6.39 29.43 19.35
C ASP A 55 -5.58 28.27 19.91
N CYS A 56 -4.56 28.53 20.74
CA CYS A 56 -3.76 27.49 21.35
C CYS A 56 -4.08 27.41 22.84
N SER A 57 -4.07 26.19 23.38
CA SER A 57 -4.29 25.97 24.79
C SER A 57 -2.97 25.99 25.55
N VAL A 58 -3.08 26.00 26.88
CA VAL A 58 -1.88 25.90 27.71
C VAL A 58 -1.11 24.63 27.38
N ALA A 59 -1.82 23.51 27.21
CA ALA A 59 -1.15 22.26 26.88
C ALA A 59 -0.44 22.34 25.54
N GLY A 60 -1.15 22.82 24.51
CA GLY A 60 -0.52 22.99 23.21
C GLY A 60 0.70 23.89 23.28
N TRP A 61 0.63 24.94 24.07
CA TRP A 61 1.77 25.84 24.25
C TRP A 61 2.94 25.12 24.90
N LEU A 62 2.68 24.43 26.01
CA LEU A 62 3.77 23.82 26.79
C LEU A 62 4.37 22.64 26.05
N LEU A 63 3.53 21.80 25.44
CA LEU A 63 4.04 20.64 24.72
C LEU A 63 4.65 21.02 23.37
N GLY A 64 4.32 22.20 22.84
CA GLY A 64 4.87 22.64 21.58
C GLY A 64 4.10 22.14 20.39
N ASN A 65 2.77 22.26 20.45
CA ASN A 65 1.94 21.92 19.31
C ASN A 65 2.44 22.68 18.07
N PRO A 66 2.80 21.99 16.99
CA PRO A 66 3.41 22.69 15.84
C PRO A 66 2.57 23.85 15.33
N MET A 67 1.27 23.86 15.59
CA MET A 67 0.40 24.95 15.18
C MET A 67 0.48 26.15 16.12
N CYS A 68 1.46 26.17 17.04
CA CYS A 68 1.58 27.23 18.04
C CYS A 68 3.04 27.71 18.14
N ASP A 69 3.76 27.72 17.02
CA ASP A 69 5.17 28.08 17.04
C ASP A 69 5.43 29.52 17.48
N GLU A 70 4.40 30.35 17.55
CA GLU A 70 4.58 31.74 17.97
C GLU A 70 5.05 31.85 19.42
N PHE A 71 4.83 30.81 20.24
CA PHE A 71 5.07 30.88 21.67
C PHE A 71 6.32 30.14 22.08
N ILE A 72 7.32 30.10 21.21
CA ILE A 72 8.66 29.62 21.56
C ILE A 72 9.47 30.82 22.00
N ASN A 73 9.99 30.79 23.23
CA ASN A 73 10.79 31.88 23.78
C ASN A 73 9.96 33.15 23.92
N VAL A 74 8.91 33.05 24.74
CA VAL A 74 8.06 34.20 25.04
C VAL A 74 8.66 34.96 26.21
N PRO A 75 8.40 36.27 26.33
CA PRO A 75 8.96 37.01 27.47
C PRO A 75 8.07 36.95 28.70
N GLU A 76 8.41 37.70 29.74
CA GLU A 76 7.60 37.72 30.94
C GLU A 76 6.19 38.20 30.62
N TRP A 77 5.21 37.66 31.35
CA TRP A 77 3.81 38.04 31.20
C TRP A 77 3.25 38.44 32.55
N SER A 78 2.20 39.27 32.51
CA SER A 78 1.46 39.63 33.71
C SER A 78 0.32 38.66 33.98
N TYR A 79 -0.32 38.17 32.92
CA TYR A 79 -1.35 37.15 33.04
C TYR A 79 -1.49 36.50 31.66
N ILE A 80 -2.16 35.34 31.64
CA ILE A 80 -2.28 34.53 30.44
C ILE A 80 -3.72 34.55 29.96
N VAL A 81 -3.90 34.56 28.65
CA VAL A 81 -5.22 34.56 28.03
C VAL A 81 -5.36 33.30 27.19
N GLU A 82 -6.49 32.61 27.35
CA GLU A 82 -6.82 31.43 26.59
C GLU A 82 -8.29 31.52 26.21
N LYS A 83 -8.65 31.03 25.03
CA LYS A 83 -10.04 31.06 24.62
C LYS A 83 -10.82 29.96 25.33
N ALA A 84 -12.15 30.05 25.26
CA ALA A 84 -13.01 29.07 25.92
C ALA A 84 -12.81 27.69 25.34
N ASN A 85 -12.72 27.58 24.01
CA ASN A 85 -12.53 26.32 23.32
C ASN A 85 -11.45 26.51 22.27
N PRO A 86 -10.17 26.37 22.64
CA PRO A 86 -9.09 26.59 21.67
C PRO A 86 -9.06 25.48 20.62
N VAL A 87 -8.73 25.89 19.39
CA VAL A 87 -8.72 24.94 18.28
C VAL A 87 -7.50 24.02 18.38
N ASN A 88 -6.36 24.57 18.81
CA ASN A 88 -5.10 23.83 18.85
C ASN A 88 -4.82 23.44 20.29
N ASP A 89 -5.22 22.22 20.66
CA ASP A 89 -4.96 21.69 21.98
C ASP A 89 -3.95 20.58 21.85
N LEU A 90 -4.36 19.32 21.73
CA LEU A 90 -3.46 18.19 21.53
C LEU A 90 -3.66 17.70 20.10
N CYS A 91 -2.72 18.06 19.21
CA CYS A 91 -2.85 17.67 17.81
C CYS A 91 -3.02 16.16 17.69
N TYR A 92 -2.13 15.40 18.33
CA TYR A 92 -2.39 13.98 18.53
C TYR A 92 -3.27 13.82 19.77
N PRO A 93 -4.42 13.14 19.66
CA PRO A 93 -5.37 13.14 20.77
C PRO A 93 -4.86 12.37 21.98
N GLY A 94 -5.42 12.71 23.14
CA GLY A 94 -5.06 12.08 24.39
C GLY A 94 -5.47 12.91 25.58
N ASP A 95 -4.64 12.92 26.62
CA ASP A 95 -4.96 13.67 27.83
C ASP A 95 -3.69 14.26 28.43
N PHE A 96 -3.88 15.32 29.21
CA PHE A 96 -2.80 15.97 29.96
C PHE A 96 -3.04 15.69 31.44
N ASN A 97 -2.20 14.86 32.03
CA ASN A 97 -2.43 14.42 33.39
C ASN A 97 -2.25 15.57 34.38
N ASP A 98 -3.17 15.65 35.34
CA ASP A 98 -3.13 16.70 36.37
C ASP A 98 -3.09 18.09 35.72
N TYR A 99 -4.00 18.29 34.77
CA TYR A 99 -3.99 19.53 33.99
C TYR A 99 -4.48 20.72 34.80
N GLU A 100 -5.51 20.51 35.63
CA GLU A 100 -6.05 21.62 36.41
C GLU A 100 -5.06 22.12 37.44
N GLU A 101 -4.33 21.21 38.09
CA GLU A 101 -3.33 21.63 39.06
C GLU A 101 -2.11 22.26 38.38
N LEU A 102 -1.84 21.89 37.12
CA LEU A 102 -0.80 22.60 36.37
C LEU A 102 -1.22 24.05 36.12
N LYS A 103 -2.51 24.26 35.82
CA LYS A 103 -2.99 25.62 35.63
C LYS A 103 -2.87 26.44 36.90
N HIS A 104 -3.19 25.84 38.05
CA HIS A 104 -3.03 26.54 39.32
C HIS A 104 -1.57 26.89 39.58
N LEU A 105 -0.65 26.00 39.19
CA LEU A 105 0.77 26.32 39.28
C LEU A 105 1.11 27.56 38.47
N LEU A 106 0.57 27.65 37.25
CA LEU A 106 0.87 28.79 36.38
C LEU A 106 0.33 30.10 36.92
N SER A 107 -0.70 30.06 37.78
CA SER A 107 -1.22 31.28 38.37
C SER A 107 -0.23 31.95 39.31
N ARG A 108 0.94 31.33 39.54
CA ARG A 108 2.00 31.93 40.34
C ARG A 108 3.32 31.98 39.58
N ILE A 109 3.28 31.90 38.26
CA ILE A 109 4.47 31.93 37.42
C ILE A 109 4.31 33.06 36.41
N ASN A 110 5.34 33.90 36.30
CA ASN A 110 5.31 35.05 35.41
C ASN A 110 6.25 34.93 34.21
N HIS A 111 7.21 34.01 34.23
CA HIS A 111 8.12 33.87 33.10
C HIS A 111 8.75 32.49 33.09
N PHE A 112 8.90 31.93 31.90
CA PHE A 112 9.60 30.67 31.68
C PHE A 112 10.87 30.91 30.89
N GLU A 113 11.82 29.99 31.03
CA GLU A 113 13.02 29.94 30.19
C GLU A 113 13.19 28.48 29.74
N LYS A 114 12.86 28.22 28.47
CA LYS A 114 13.01 26.88 27.93
C LYS A 114 14.49 26.51 27.85
N ILE A 115 14.79 25.25 28.20
CA ILE A 115 16.15 24.72 28.06
C ILE A 115 16.06 23.29 27.57
N GLN A 116 17.11 22.87 26.86
CA GLN A 116 17.21 21.52 26.33
C GLN A 116 17.88 20.64 27.37
N ILE A 117 17.16 19.63 27.88
CA ILE A 117 17.68 18.76 28.92
C ILE A 117 18.13 17.44 28.32
N ILE A 118 17.51 17.04 27.21
CA ILE A 118 17.88 15.80 26.53
C ILE A 118 17.90 16.05 25.03
N PRO A 119 19.08 16.26 24.42
CA PRO A 119 19.11 16.53 22.97
C PRO A 119 18.54 15.37 22.18
N LYS A 120 17.81 15.71 21.10
CA LYS A 120 17.25 14.68 20.24
C LYS A 120 18.34 13.83 19.60
N SER A 121 19.49 14.43 19.29
CA SER A 121 20.62 13.67 18.74
C SER A 121 21.24 12.72 19.75
N SER A 122 20.84 12.80 21.02
CA SER A 122 21.41 11.97 22.06
C SER A 122 20.97 10.51 21.98
N TRP A 123 19.95 10.20 21.19
CA TRP A 123 19.39 8.85 21.13
C TRP A 123 20.09 8.09 20.02
N SER A 124 20.99 7.18 20.40
CA SER A 124 21.76 6.40 19.44
C SER A 124 21.21 5.00 19.23
N SER A 125 20.52 4.43 20.21
CA SER A 125 19.94 3.10 20.09
C SER A 125 18.46 3.13 19.73
N HIS A 126 17.88 4.31 19.53
CA HIS A 126 16.49 4.44 19.17
C HIS A 126 16.36 5.51 18.10
N GLU A 127 15.31 5.42 17.29
CA GLU A 127 15.07 6.39 16.23
C GLU A 127 14.26 7.54 16.78
N ALA A 128 14.78 8.76 16.63
CA ALA A 128 14.18 9.95 17.21
C ALA A 128 13.60 10.91 16.17
N SER A 129 13.73 10.60 14.88
CA SER A 129 13.33 11.51 13.82
C SER A 129 12.23 10.94 12.93
N LEU A 130 11.49 9.95 13.43
CA LEU A 130 10.40 9.35 12.66
C LEU A 130 9.05 9.45 13.36
N GLY A 131 9.00 10.01 14.57
CA GLY A 131 7.74 10.14 15.28
C GLY A 131 6.97 11.37 14.87
N VAL A 132 6.41 11.35 13.67
CA VAL A 132 5.62 12.45 13.15
C VAL A 132 4.29 11.90 12.66
N SER A 133 3.26 12.76 12.67
CA SER A 133 1.91 12.35 12.34
C SER A 133 1.24 13.44 11.51
N SER A 134 0.31 13.02 10.64
CA SER A 134 -0.51 13.98 9.92
C SER A 134 -1.53 14.66 10.82
N ALA A 135 -1.76 14.13 12.02
CA ALA A 135 -2.58 14.81 13.00
C ALA A 135 -1.89 16.07 13.54
N CYS A 136 -0.57 16.16 13.40
CA CYS A 136 0.21 17.30 13.87
C CYS A 136 0.91 17.94 12.69
N PRO A 137 0.15 18.52 11.76
CA PRO A 137 0.77 19.14 10.59
C PRO A 137 1.57 20.38 10.95
N TYR A 138 2.66 20.59 10.20
CA TYR A 138 3.44 21.82 10.29
C TYR A 138 3.75 22.23 8.85
N GLN A 139 3.05 23.26 8.37
CA GLN A 139 3.22 23.74 7.00
C GLN A 139 2.95 22.62 5.99
N GLY A 140 1.94 21.80 6.28
CA GLY A 140 1.51 20.75 5.38
C GLY A 140 2.19 19.41 5.60
N LYS A 141 3.35 19.38 6.26
CA LYS A 141 4.09 18.15 6.46
C LYS A 141 3.83 17.59 7.85
N SER A 142 3.83 16.27 7.96
CA SER A 142 3.59 15.62 9.24
C SER A 142 4.66 16.00 10.24
N SER A 143 4.24 16.35 11.45
CA SER A 143 5.15 16.79 12.50
C SER A 143 4.65 16.21 13.83
N PHE A 144 5.01 16.87 14.93
CA PHE A 144 4.68 16.39 16.26
C PHE A 144 4.97 17.51 17.24
N PHE A 145 4.54 17.31 18.49
CA PHE A 145 4.88 18.25 19.55
C PHE A 145 6.38 18.52 19.54
N ARG A 146 6.74 19.80 19.71
CA ARG A 146 8.14 20.19 19.51
C ARG A 146 9.00 19.91 20.73
N ASN A 147 8.44 19.94 21.93
CA ASN A 147 9.23 19.86 23.15
C ASN A 147 9.42 18.43 23.64
N VAL A 148 8.83 17.45 22.97
CA VAL A 148 8.96 16.05 23.34
C VAL A 148 9.22 15.23 22.08
N VAL A 149 9.76 14.03 22.28
CA VAL A 149 10.29 13.21 21.19
C VAL A 149 9.61 11.85 21.23
N TRP A 150 8.96 11.48 20.14
CA TRP A 150 8.25 10.21 20.02
C TRP A 150 9.26 9.19 19.52
N LEU A 151 9.88 8.47 20.47
CA LEU A 151 10.95 7.53 20.15
C LEU A 151 10.40 6.25 19.54
N ILE A 152 11.18 5.67 18.65
CA ILE A 152 10.80 4.49 17.88
C ILE A 152 11.95 3.48 17.95
N LYS A 153 11.61 2.21 17.77
CA LYS A 153 12.61 1.16 17.80
C LYS A 153 13.59 1.33 16.64
N LYS A 154 14.71 0.61 16.74
CA LYS A 154 15.81 0.73 15.79
C LYS A 154 16.50 -0.61 15.67
N ASN A 155 16.90 -0.98 14.45
CA ASN A 155 17.52 -2.27 14.19
C ASN A 155 16.63 -3.40 14.68
N SER A 156 15.31 -3.22 14.53
CA SER A 156 14.32 -4.20 14.97
C SER A 156 14.38 -4.47 16.47
N THR A 157 14.92 -3.54 17.25
CA THR A 157 15.04 -3.70 18.68
C THR A 157 14.69 -2.38 19.37
N TYR A 158 14.23 -2.48 20.61
CA TYR A 158 13.97 -1.32 21.47
C TYR A 158 14.64 -1.60 22.80
N PRO A 159 15.95 -1.33 22.92
CA PRO A 159 16.63 -1.58 24.20
C PRO A 159 16.08 -0.66 25.29
N THR A 160 16.24 -1.12 26.52
CA THR A 160 15.76 -0.38 27.68
C THR A 160 16.48 0.96 27.80
N ILE A 161 15.69 2.03 27.88
CA ILE A 161 16.25 3.36 28.10
C ILE A 161 16.51 3.54 29.58
N LYS A 162 17.69 4.09 29.91
CA LYS A 162 18.02 4.48 31.29
C LYS A 162 18.75 5.82 31.20
N ARG A 163 17.98 6.91 31.31
CA ARG A 163 18.50 8.26 31.21
C ARG A 163 18.13 9.04 32.45
N SER A 164 19.07 9.85 32.95
CA SER A 164 18.84 10.69 34.10
C SER A 164 19.30 12.12 33.79
N TYR A 165 18.54 13.09 34.27
CA TYR A 165 18.92 14.49 34.17
C TYR A 165 18.92 15.12 35.55
N ASN A 166 20.04 15.74 35.92
CA ASN A 166 20.20 16.38 37.21
C ASN A 166 20.04 17.89 37.02
N ASN A 167 19.08 18.47 37.72
CA ASN A 167 18.84 19.90 37.61
C ASN A 167 19.96 20.69 38.27
N THR A 168 21.03 20.95 37.52
CA THR A 168 22.15 21.75 38.03
C THR A 168 21.80 23.23 38.13
N ASN A 169 20.67 23.65 37.58
CA ASN A 169 20.29 25.06 37.59
C ASN A 169 19.85 25.48 39.00
N GLN A 170 19.69 26.80 39.17
CA GLN A 170 19.25 27.36 40.44
C GLN A 170 17.73 27.54 40.51
N GLU A 171 17.01 27.31 39.41
CA GLU A 171 15.58 27.50 39.36
C GLU A 171 14.85 26.16 39.41
N ASP A 172 13.58 26.22 39.75
CA ASP A 172 12.71 25.06 39.58
C ASP A 172 12.51 24.77 38.10
N LEU A 173 12.26 23.50 37.78
CA LEU A 173 12.23 23.03 36.40
C LEU A 173 10.95 22.25 36.16
N LEU A 174 10.10 22.77 35.27
CA LEU A 174 8.91 22.05 34.84
C LEU A 174 9.29 21.08 33.73
N VAL A 175 9.13 19.78 33.98
CA VAL A 175 9.51 18.74 33.03
C VAL A 175 8.26 18.05 32.53
N LEU A 176 8.24 17.73 31.24
CA LEU A 176 7.09 17.12 30.59
C LEU A 176 7.52 15.88 29.83
N TRP A 177 6.72 14.82 29.94
CA TRP A 177 6.94 13.60 29.17
C TRP A 177 5.58 12.97 28.90
N GLY A 178 5.59 11.86 28.18
CA GLY A 178 4.33 11.20 27.84
C GLY A 178 4.51 9.73 27.55
N ILE A 179 3.37 9.07 27.35
CA ILE A 179 3.32 7.67 26.99
C ILE A 179 2.35 7.51 25.83
N HIS A 180 2.63 6.55 24.96
CA HIS A 180 1.75 6.24 23.83
C HIS A 180 0.92 5.02 24.16
N HIS A 181 -0.40 5.15 24.05
CA HIS A 181 -1.34 4.04 24.18
C HIS A 181 -1.75 3.60 22.78
N PRO A 182 -1.20 2.52 22.24
CA PRO A 182 -1.53 2.15 20.86
C PRO A 182 -2.94 1.60 20.75
N ASN A 183 -3.40 1.48 19.49
CA ASN A 183 -4.73 0.98 19.21
C ASN A 183 -4.79 -0.54 19.26
N ASP A 184 -3.69 -1.23 18.98
CA ASP A 184 -3.72 -2.69 18.88
C ASP A 184 -2.30 -3.23 19.02
N ALA A 185 -2.22 -4.57 19.13
CA ALA A 185 -0.94 -5.22 19.40
C ALA A 185 0.00 -5.17 18.21
N ALA A 186 -0.52 -5.12 16.99
CA ALA A 186 0.35 -5.04 15.82
C ALA A 186 1.04 -3.68 15.75
N GLU A 187 0.31 -2.62 16.08
CA GLU A 187 0.93 -1.29 16.17
C GLU A 187 2.02 -1.28 17.23
N GLN A 188 1.75 -1.89 18.39
CA GLN A 188 2.78 -2.01 19.43
C GLN A 188 4.03 -2.71 18.89
N THR A 189 3.84 -3.78 18.13
CA THR A 189 4.98 -4.52 17.60
C THR A 189 5.77 -3.67 16.61
N LYS A 190 5.08 -3.04 15.65
CA LYS A 190 5.78 -2.29 14.62
C LYS A 190 6.58 -1.13 15.20
N LEU A 191 6.04 -0.46 16.22
CA LEU A 191 6.68 0.74 16.75
C LEU A 191 7.74 0.43 17.80
N TYR A 192 7.49 -0.52 18.70
CA TYR A 192 8.37 -0.75 19.83
C TYR A 192 8.85 -2.19 19.97
N GLN A 193 8.40 -3.10 19.12
CA GLN A 193 8.86 -4.49 19.14
C GLN A 193 8.40 -5.22 20.39
N ASN A 194 8.79 -4.72 21.56
CA ASN A 194 8.46 -5.40 22.81
C ASN A 194 6.95 -5.37 23.05
N PRO A 195 6.31 -6.52 23.27
CA PRO A 195 4.84 -6.50 23.44
C PRO A 195 4.39 -5.96 24.79
N THR A 196 5.19 -6.13 25.83
CA THR A 196 4.83 -5.74 27.19
C THR A 196 5.85 -4.72 27.67
N THR A 197 5.40 -3.48 27.88
CA THR A 197 6.31 -2.37 28.11
C THR A 197 5.83 -1.54 29.29
N TYR A 198 6.70 -0.63 29.73
CA TYR A 198 6.44 0.21 30.87
C TYR A 198 7.26 1.48 30.73
N ILE A 199 6.90 2.48 31.54
CA ILE A 199 7.69 3.69 31.71
C ILE A 199 7.85 3.92 33.20
N SER A 200 9.07 4.20 33.63
CA SER A 200 9.36 4.48 35.03
C SER A 200 10.01 5.85 35.13
N VAL A 201 9.47 6.69 36.02
CA VAL A 201 9.98 8.04 36.23
C VAL A 201 10.13 8.24 37.73
N GLY A 202 11.31 8.69 38.15
CA GLY A 202 11.59 8.85 39.56
C GLY A 202 12.32 10.13 39.91
N THR A 203 11.83 10.81 40.95
CA THR A 203 12.56 11.90 41.57
C THR A 203 12.60 11.66 43.07
N SER A 204 13.02 12.65 43.85
CA SER A 204 12.97 12.52 45.30
C SER A 204 11.54 12.46 45.82
N THR A 205 10.56 12.89 45.01
CA THR A 205 9.17 12.89 45.42
C THR A 205 8.26 12.05 44.53
N LEU A 206 8.68 11.73 43.31
CA LEU A 206 7.85 11.00 42.35
C LEU A 206 8.35 9.57 42.19
N ASN A 207 7.42 8.61 42.22
CA ASN A 207 7.71 7.19 41.98
C ASN A 207 6.58 6.69 41.07
N GLN A 208 6.73 6.95 39.77
CA GLN A 208 5.68 6.71 38.79
C GLN A 208 6.09 5.57 37.87
N ARG A 209 5.23 4.56 37.76
CA ARG A 209 5.39 3.49 36.79
C ARG A 209 4.11 3.42 35.96
N LEU A 210 4.27 3.49 34.64
CA LEU A 210 3.15 3.54 33.72
C LEU A 210 3.22 2.37 32.75
N VAL A 211 2.07 1.73 32.52
CA VAL A 211 1.97 0.67 31.52
C VAL A 211 1.02 1.15 30.43
N PRO A 212 1.34 0.97 29.14
CA PRO A 212 0.40 1.39 28.10
C PRO A 212 -0.87 0.55 28.12
N ARG A 213 -1.95 1.17 27.68
CA ARG A 213 -3.26 0.51 27.59
C ARG A 213 -3.58 0.33 26.11
N ILE A 214 -3.33 -0.87 25.60
CA ILE A 214 -3.62 -1.19 24.21
C ILE A 214 -5.10 -1.52 24.09
N ALA A 215 -5.83 -0.71 23.32
CA ALA A 215 -7.26 -0.89 23.18
C ALA A 215 -7.71 -0.14 21.92
N THR A 216 -8.66 -0.75 21.21
CA THR A 216 -9.23 -0.09 20.03
C THR A 216 -10.10 1.08 20.47
N ARG A 217 -10.01 2.18 19.73
CA ARG A 217 -10.74 3.39 20.08
C ARG A 217 -11.34 3.99 18.82
N SER A 218 -12.36 4.82 19.02
CA SER A 218 -12.87 5.65 17.93
C SER A 218 -11.83 6.70 17.56
N LYS A 219 -11.91 7.16 16.32
CA LYS A 219 -10.87 8.04 15.78
C LYS A 219 -11.10 9.49 16.19
N VAL A 220 -10.02 10.14 16.61
CA VAL A 220 -9.99 11.57 16.87
C VAL A 220 -8.80 12.14 16.12
N ASN A 221 -9.04 13.17 15.31
CA ASN A 221 -8.02 13.67 14.38
C ASN A 221 -7.45 12.53 13.54
N GLY A 222 -8.33 11.60 13.16
CA GLY A 222 -7.93 10.45 12.39
C GLY A 222 -7.07 9.44 13.12
N GLN A 223 -6.92 9.57 14.43
CA GLN A 223 -6.04 8.69 15.21
C GLN A 223 -6.88 7.83 16.15
N SER A 224 -6.57 6.53 16.19
CA SER A 224 -7.18 5.62 17.14
C SER A 224 -6.26 5.32 18.32
N GLY A 225 -5.01 5.77 18.29
CA GLY A 225 -4.15 5.74 19.45
C GLY A 225 -4.29 7.00 20.28
N ARG A 226 -3.61 7.02 21.42
CA ARG A 226 -3.69 8.14 22.35
C ARG A 226 -2.32 8.42 22.94
N MET A 227 -2.11 9.68 23.30
CA MET A 227 -0.89 10.13 23.95
C MET A 227 -1.26 10.74 25.29
N GLU A 228 -0.69 10.23 26.37
CA GLU A 228 -0.94 10.72 27.71
C GLU A 228 0.33 11.38 28.23
N PHE A 229 0.22 12.65 28.61
CA PHE A 229 1.37 13.44 29.02
C PHE A 229 1.35 13.69 30.53
N PHE A 230 2.54 13.79 31.10
CA PHE A 230 2.71 13.96 32.54
C PHE A 230 3.72 15.09 32.78
N TRP A 231 3.69 15.63 34.00
CA TRP A 231 4.57 16.74 34.35
C TRP A 231 4.96 16.64 35.82
N THR A 232 6.06 17.30 36.15
CA THR A 232 6.51 17.42 37.53
C THR A 232 7.48 18.58 37.62
N ILE A 233 7.69 19.06 38.84
CA ILE A 233 8.67 20.10 39.12
C ILE A 233 9.92 19.43 39.66
N LEU A 234 11.04 19.65 38.98
CA LEU A 234 12.33 19.09 39.38
C LEU A 234 13.10 20.16 40.14
N LYS A 235 13.22 19.99 41.46
CA LYS A 235 13.87 20.97 42.30
C LYS A 235 15.37 21.00 42.02
N PRO A 236 16.03 22.12 42.29
CA PRO A 236 17.48 22.20 42.08
C PRO A 236 18.23 21.10 42.82
N ASN A 237 19.27 20.57 42.16
CA ASN A 237 20.10 19.48 42.66
C ASN A 237 19.36 18.15 42.72
N ASP A 238 18.07 18.11 42.38
CA ASP A 238 17.37 16.84 42.27
C ASP A 238 17.58 16.26 40.88
N ALA A 239 17.26 14.98 40.73
CA ALA A 239 17.45 14.28 39.47
C ALA A 239 16.19 13.50 39.12
N ILE A 240 15.82 13.57 37.85
CA ILE A 240 14.71 12.77 37.30
C ILE A 240 15.31 11.60 36.54
N ASN A 241 14.87 10.39 36.89
CA ASN A 241 15.41 9.17 36.31
C ASN A 241 14.32 8.51 35.46
N PHE A 242 14.56 8.46 34.15
CA PHE A 242 13.63 7.84 33.22
C PHE A 242 14.08 6.42 32.89
N GLU A 243 13.12 5.50 32.83
CA GLU A 243 13.39 4.14 32.39
C GLU A 243 12.19 3.63 31.61
N SER A 244 12.45 3.01 30.46
CA SER A 244 11.36 2.54 29.62
C SER A 244 11.89 1.54 28.60
N ASN A 245 11.03 0.61 28.20
CA ASN A 245 11.31 -0.32 27.11
C ASN A 245 10.30 -0.18 25.99
N GLY A 246 9.63 0.96 25.88
CA GLY A 246 8.70 1.21 24.79
C GLY A 246 7.67 2.25 25.16
N ASN A 247 7.05 2.82 24.13
CA ASN A 247 5.93 3.73 24.28
C ASN A 247 6.30 5.03 24.97
N PHE A 248 7.59 5.38 25.01
CA PHE A 248 8.07 6.53 25.76
C PHE A 248 8.15 7.75 24.86
N ILE A 249 7.42 8.80 25.22
CA ILE A 249 7.51 10.10 24.58
C ILE A 249 8.47 10.92 25.44
N ALA A 250 9.74 10.94 25.06
CA ALA A 250 10.77 11.44 25.94
C ALA A 250 10.83 12.97 25.91
N PRO A 251 11.26 13.60 27.01
CA PRO A 251 11.47 15.04 26.98
C PRO A 251 12.69 15.42 26.15
N GLU A 252 12.61 16.59 25.54
CA GLU A 252 13.79 17.27 25.00
C GLU A 252 13.98 18.64 25.63
N TYR A 253 12.93 19.44 25.71
CA TYR A 253 12.98 20.76 26.32
C TYR A 253 12.13 20.79 27.57
N ALA A 254 12.66 21.42 28.62
CA ALA A 254 11.94 21.70 29.85
C ALA A 254 11.97 23.20 30.10
N TYR A 255 11.23 23.63 31.12
CA TYR A 255 11.05 25.06 31.41
C TYR A 255 11.66 25.39 32.77
N LYS A 256 12.61 26.32 32.78
CA LYS A 256 13.06 26.93 34.03
C LYS A 256 12.04 27.97 34.48
N ILE A 257 11.68 27.92 35.76
CA ILE A 257 10.80 28.93 36.34
C ILE A 257 11.67 30.06 36.85
N VAL A 258 11.64 31.19 36.15
CA VAL A 258 12.54 32.30 36.41
C VAL A 258 11.84 33.50 37.04
N LYS A 259 10.54 33.41 37.31
CA LYS A 259 9.82 34.49 37.97
C LYS A 259 8.52 33.95 38.52
N LYS A 260 8.22 34.26 39.78
CA LYS A 260 7.06 33.72 40.48
C LYS A 260 6.25 34.87 41.07
N GLY A 261 5.64 35.66 40.19
CA GLY A 261 4.70 36.68 40.61
C GLY A 261 3.30 36.12 40.76
N ASP A 262 2.29 36.90 40.38
CA ASP A 262 0.91 36.46 40.41
C ASP A 262 0.31 36.60 39.02
N SER A 263 -0.08 35.47 38.43
CA SER A 263 -0.74 35.43 37.14
C SER A 263 -2.09 34.74 37.27
N THR A 264 -2.87 34.81 36.20
CA THR A 264 -4.11 34.05 36.08
C THR A 264 -4.25 33.58 34.65
N ILE A 265 -5.04 32.53 34.47
CA ILE A 265 -5.41 32.05 33.14
C ILE A 265 -6.80 32.58 32.86
N MET A 266 -6.87 33.68 32.12
CA MET A 266 -8.12 34.36 31.84
C MET A 266 -8.74 33.80 30.56
N LYS A 267 -10.02 33.44 30.63
CA LYS A 267 -10.75 32.89 29.49
C LYS A 267 -11.49 34.02 28.79
N SER A 268 -11.03 34.35 27.58
CA SER A 268 -11.58 35.49 26.85
C SER A 268 -11.45 35.23 25.35
N GLU A 269 -12.38 35.81 24.58
CA GLU A 269 -12.33 35.77 23.13
C GLU A 269 -11.75 37.04 22.53
N LEU A 270 -11.44 38.05 23.34
CA LEU A 270 -10.95 39.32 22.85
C LEU A 270 -9.48 39.22 22.48
N GLU A 271 -8.90 40.34 22.05
CA GLU A 271 -7.53 40.36 21.57
C GLU A 271 -6.88 41.68 21.92
N TYR A 272 -5.55 41.68 21.96
CA TYR A 272 -4.75 42.88 22.14
C TYR A 272 -5.03 43.87 21.00
N GLY A 273 -5.55 45.07 21.25
CA GLY A 273 -5.84 45.60 22.57
C GLY A 273 -4.71 46.47 23.09
N ASN A 274 -4.40 47.53 22.34
CA ASN A 274 -3.32 48.45 22.69
C ASN A 274 -3.83 49.45 23.71
N CYS A 275 -3.60 49.14 24.98
CA CYS A 275 -4.05 49.97 26.10
C CYS A 275 -3.32 49.48 27.35
N ASN A 276 -3.67 50.05 28.50
CA ASN A 276 -2.97 49.74 29.73
C ASN A 276 -3.86 50.05 30.92
N THR A 277 -3.77 49.23 31.95
CA THR A 277 -4.54 49.44 33.17
C THR A 277 -3.79 48.86 34.37
N LYS A 278 -4.40 49.01 35.54
CA LYS A 278 -4.05 48.24 36.72
C LYS A 278 -5.07 47.16 37.05
N CYS A 279 -6.28 47.23 36.47
CA CYS A 279 -7.33 46.24 36.67
C CYS A 279 -7.85 45.80 35.31
N GLN A 280 -7.97 44.50 35.12
CA GLN A 280 -8.43 43.92 33.86
C GLN A 280 -9.50 42.88 34.14
N THR A 281 -10.47 42.78 33.21
CA THR A 281 -11.54 41.80 33.31
C THR A 281 -11.53 40.90 32.08
N PRO A 282 -12.26 39.78 32.09
CA PRO A 282 -12.27 38.89 30.91
C PRO A 282 -13.05 39.44 29.73
N MET A 283 -13.74 40.57 29.88
CA MET A 283 -14.55 41.13 28.80
C MET A 283 -14.18 42.56 28.47
N GLY A 284 -13.10 43.09 29.04
CA GLY A 284 -12.73 44.45 28.75
C GLY A 284 -11.85 45.02 29.83
N ALA A 285 -11.37 46.24 29.58
CA ALA A 285 -10.43 46.92 30.46
C ALA A 285 -11.06 48.16 31.07
N ILE A 286 -10.54 48.56 32.23
CA ILE A 286 -11.09 49.70 32.98
C ILE A 286 -9.95 50.33 33.77
N ASN A 287 -9.77 51.65 33.61
CA ASN A 287 -8.77 52.40 34.34
C ASN A 287 -9.42 53.18 35.48
N SER A 288 -8.58 53.87 36.27
CA SER A 288 -9.06 54.60 37.44
C SER A 288 -9.87 53.66 38.33
N SER A 289 -10.56 54.20 39.33
CA SER A 289 -11.27 53.35 40.27
C SER A 289 -12.54 54.03 40.77
N MET A 290 -13.64 53.28 40.75
CA MET A 290 -14.90 53.62 41.37
C MET A 290 -15.49 52.26 41.72
N PRO A 291 -16.00 52.06 42.94
CA PRO A 291 -16.43 50.71 43.34
C PRO A 291 -17.52 50.10 42.46
N PHE A 292 -17.97 50.83 41.44
CA PHE A 292 -18.92 50.28 40.48
C PHE A 292 -18.28 49.13 39.72
N HIS A 293 -18.92 47.96 39.77
CA HIS A 293 -18.41 46.78 39.09
C HIS A 293 -19.42 45.64 39.20
N ASN A 294 -20.09 45.34 38.08
CA ASN A 294 -21.11 44.29 38.04
C ASN A 294 -20.92 43.48 36.77
N ILE A 295 -19.67 43.09 36.50
CA ILE A 295 -19.31 42.48 35.23
C ILE A 295 -18.78 41.08 35.43
N HIS A 296 -17.71 40.95 36.24
CA HIS A 296 -17.04 39.67 36.37
C HIS A 296 -16.27 39.62 37.68
N PRO A 297 -16.25 38.48 38.39
CA PRO A 297 -15.39 38.37 39.56
C PRO A 297 -13.92 38.12 39.20
N LEU A 298 -13.68 37.20 38.28
CA LEU A 298 -12.33 36.89 37.83
C LEU A 298 -11.68 38.11 37.20
N THR A 299 -10.81 38.80 37.95
CA THR A 299 -10.16 40.00 37.44
C THR A 299 -8.75 40.08 38.00
N ILE A 300 -7.77 40.26 37.12
CA ILE A 300 -6.39 40.44 37.54
C ILE A 300 -6.19 41.89 37.97
N GLY A 301 -5.32 42.10 38.95
CA GLY A 301 -5.15 43.38 39.60
C GLY A 301 -5.85 43.45 40.95
N GLU A 302 -6.94 42.70 41.12
CA GLU A 302 -7.63 42.57 42.41
C GLU A 302 -7.91 43.94 43.01
N CYS A 303 -8.34 44.89 42.17
CA CYS A 303 -8.75 46.19 42.68
C CYS A 303 -10.26 46.22 42.82
N PRO A 304 -10.82 46.64 43.98
CA PRO A 304 -12.27 46.58 44.20
C PRO A 304 -13.10 47.19 43.08
N LYS A 305 -14.41 46.93 42.99
CA LYS A 305 -15.15 46.05 43.90
C LYS A 305 -15.96 45.10 43.00
N TYR A 306 -17.00 44.45 43.53
CA TYR A 306 -17.86 43.60 42.73
C TYR A 306 -19.07 43.22 43.57
N VAL A 307 -20.12 42.74 42.90
CA VAL A 307 -21.35 42.36 43.58
C VAL A 307 -21.02 41.30 44.62
N PCA B 1 4.48 11.27 -8.59
CA PCA B 1 5.98 11.39 -8.59
CB PCA B 1 6.41 12.55 -7.71
CG PCA B 1 5.18 13.05 -6.97
CD PCA B 1 4.06 12.27 -7.60
OE PCA B 1 2.88 12.50 -7.31
C PCA B 1 6.65 10.12 -8.08
O PCA B 1 7.84 9.91 -8.34
N VAL B 2 5.91 9.30 -7.36
CA VAL B 2 6.46 8.11 -6.72
C VAL B 2 6.46 6.92 -7.67
N GLN B 3 7.65 6.34 -7.87
CA GLN B 3 7.81 5.16 -8.71
C GLN B 3 8.68 4.14 -8.01
N LEU B 4 8.37 2.87 -8.25
CA LEU B 4 9.16 1.75 -7.75
C LEU B 4 9.63 0.94 -8.95
N GLN B 5 10.95 0.85 -9.12
CA GLN B 5 11.57 0.21 -10.28
C GLN B 5 12.21 -1.10 -9.83
N GLN B 6 11.65 -2.22 -10.27
CA GLN B 6 12.15 -3.54 -9.88
C GLN B 6 13.09 -4.09 -10.94
N SER B 7 14.03 -4.93 -10.49
CA SER B 7 14.97 -5.56 -11.39
C SER B 7 14.26 -6.62 -12.25
N GLY B 8 14.99 -7.13 -13.24
CA GLY B 8 14.40 -7.95 -14.28
C GLY B 8 14.26 -9.41 -13.90
N ALA B 9 13.63 -10.15 -14.81
CA ALA B 9 13.38 -11.57 -14.58
C ALA B 9 14.69 -12.33 -14.38
N GLU B 10 14.61 -13.44 -13.64
CA GLU B 10 15.77 -14.23 -13.32
C GLU B 10 15.42 -15.71 -13.35
N LEU B 11 16.36 -16.51 -13.84
CA LEU B 11 16.24 -17.97 -13.88
C LEU B 11 17.33 -18.56 -12.99
N MET B 12 16.93 -19.36 -12.01
CA MET B 12 17.84 -19.83 -10.97
C MET B 12 17.75 -21.34 -10.83
N LYS B 13 18.88 -21.96 -10.53
CA LYS B 13 18.92 -23.38 -10.27
C LYS B 13 18.33 -23.70 -8.89
N PRO B 14 17.73 -24.87 -8.72
CA PRO B 14 17.24 -25.26 -7.40
C PRO B 14 18.36 -25.19 -6.36
N GLY B 15 18.03 -24.67 -5.18
CA GLY B 15 18.98 -24.53 -4.10
C GLY B 15 19.83 -23.29 -4.14
N ALA B 16 19.83 -22.56 -5.25
CA ALA B 16 20.62 -21.34 -5.35
C ALA B 16 19.88 -20.20 -4.65
N SER B 17 20.41 -18.99 -4.76
CA SER B 17 19.79 -17.81 -4.18
C SER B 17 19.74 -16.72 -5.23
N VAL B 18 18.82 -15.77 -5.02
CA VAL B 18 18.64 -14.65 -5.93
C VAL B 18 18.40 -13.40 -5.11
N LYS B 19 18.90 -12.27 -5.59
CA LYS B 19 18.76 -10.97 -4.93
C LYS B 19 18.10 -10.02 -5.93
N ILE B 20 16.86 -9.64 -5.64
CA ILE B 20 16.12 -8.73 -6.50
C ILE B 20 16.03 -7.37 -5.80
N SER B 21 15.97 -6.32 -6.61
CA SER B 21 16.08 -4.95 -6.11
C SER B 21 14.82 -4.16 -6.45
N CYS B 22 14.70 -3.02 -5.78
CA CYS B 22 13.52 -2.16 -5.90
C CYS B 22 14.01 -0.73 -5.65
N LYS B 23 14.16 0.05 -6.71
CA LYS B 23 14.65 1.42 -6.60
C LYS B 23 13.46 2.37 -6.46
N ALA B 24 13.44 3.12 -5.37
CA ALA B 24 12.37 4.06 -5.07
C ALA B 24 12.81 5.47 -5.42
N THR B 25 11.87 6.26 -5.96
CA THR B 25 12.14 7.65 -6.30
C THR B 25 10.85 8.45 -6.12
N GLY B 26 11.01 9.74 -5.86
CA GLY B 26 9.90 10.65 -5.75
C GLY B 26 9.45 10.97 -4.34
N TYR B 27 10.16 10.50 -3.32
CA TYR B 27 9.76 10.74 -1.94
C TYR B 27 10.94 10.44 -1.03
N THR B 28 10.77 10.78 0.26
CA THR B 28 11.79 10.52 1.26
C THR B 28 11.84 9.03 1.54
N PHE B 29 12.92 8.38 1.09
CA PHE B 29 13.01 6.92 1.15
C PHE B 29 12.86 6.39 2.57
N SER B 30 13.26 7.16 3.57
CA SER B 30 13.31 6.67 4.95
C SER B 30 12.01 6.83 5.71
N GLY B 31 10.98 7.44 5.10
CA GLY B 31 9.74 7.72 5.79
C GLY B 31 8.61 6.75 5.55
N HIS B 32 8.80 5.76 4.68
CA HIS B 32 7.75 4.79 4.38
C HIS B 32 8.33 3.39 4.41
N TRP B 33 7.52 2.44 4.87
CA TRP B 33 7.91 1.04 4.84
C TRP B 33 7.79 0.50 3.42
N ILE B 34 8.70 -0.41 3.07
CA ILE B 34 8.68 -1.12 1.80
C ILE B 34 8.19 -2.53 2.07
N GLU B 35 7.11 -2.92 1.39
CA GLU B 35 6.53 -4.25 1.52
C GLU B 35 7.03 -5.14 0.39
N TRP B 36 7.03 -6.45 0.66
CA TRP B 36 7.36 -7.45 -0.34
C TRP B 36 6.27 -8.50 -0.38
N VAL B 37 5.88 -8.90 -1.59
CA VAL B 37 4.71 -9.73 -1.81
C VAL B 37 5.03 -10.77 -2.88
N LYS B 38 4.38 -11.93 -2.77
CA LYS B 38 4.59 -13.05 -3.68
C LYS B 38 3.26 -13.44 -4.31
N GLN B 39 3.22 -13.46 -5.64
CA GLN B 39 2.01 -13.81 -6.37
C GLN B 39 2.29 -15.03 -7.25
N ARG B 40 1.50 -16.08 -7.07
CA ARG B 40 1.59 -17.27 -7.90
C ARG B 40 0.24 -17.57 -8.54
N PRO B 41 0.22 -18.04 -9.79
CA PRO B 41 -1.07 -18.44 -10.39
C PRO B 41 -1.73 -19.54 -9.57
N GLY B 42 -3.05 -19.42 -9.40
CA GLY B 42 -3.79 -20.39 -8.62
C GLY B 42 -3.62 -20.26 -7.13
N HIS B 43 -2.90 -19.24 -6.66
CA HIS B 43 -2.72 -19.00 -5.24
C HIS B 43 -3.01 -17.54 -4.92
N GLY B 44 -3.49 -17.32 -3.71
CA GLY B 44 -3.70 -15.96 -3.24
C GLY B 44 -2.40 -15.24 -2.97
N LEU B 45 -2.49 -13.92 -2.93
CA LEU B 45 -1.32 -13.10 -2.64
C LEU B 45 -0.79 -13.41 -1.24
N GLU B 46 0.54 -13.47 -1.13
CA GLU B 46 1.21 -13.79 0.12
C GLU B 46 2.14 -12.66 0.53
N TRP B 47 1.98 -12.20 1.77
CA TRP B 47 2.87 -11.19 2.33
C TRP B 47 4.16 -11.84 2.81
N ILE B 48 5.29 -11.33 2.33
CA ILE B 48 6.60 -11.86 2.73
C ILE B 48 7.13 -11.13 3.96
N GLY B 49 7.08 -9.80 3.93
CA GLY B 49 7.60 -9.04 5.06
C GLY B 49 7.71 -7.57 4.71
N GLU B 50 8.57 -6.88 5.46
CA GLU B 50 8.52 -5.44 5.56
C GLU B 50 9.89 -4.92 6.00
N ILE B 51 10.29 -3.77 5.45
CA ILE B 51 11.51 -3.10 5.89
C ILE B 51 11.27 -1.60 5.85
N LEU B 52 11.76 -0.90 6.88
CA LEU B 52 11.76 0.55 6.92
C LEU B 52 13.16 1.03 6.56
N PRO B 53 13.40 1.49 5.34
CA PRO B 53 14.78 1.81 4.92
C PRO B 53 15.45 2.82 5.84
N GLY B 54 16.71 2.56 6.16
CA GLY B 54 17.51 3.45 6.97
C GLY B 54 17.41 3.20 8.47
N SER B 55 16.42 2.43 8.93
CA SER B 55 16.20 2.23 10.35
C SER B 55 16.64 0.88 10.86
N GLY B 56 16.87 -0.09 9.96
CA GLY B 56 17.18 -1.44 10.37
C GLY B 56 16.01 -2.24 10.89
N ASN B 57 14.80 -1.68 10.82
CA ASN B 57 13.61 -2.36 11.32
C ASN B 57 13.03 -3.25 10.21
N ILE B 58 12.90 -4.54 10.50
CA ILE B 58 12.48 -5.52 9.52
C ILE B 58 11.46 -6.45 10.16
N HIS B 59 10.40 -6.76 9.42
CA HIS B 59 9.43 -7.76 9.80
C HIS B 59 9.39 -8.84 8.73
N TYR B 60 9.30 -10.09 9.16
CA TYR B 60 9.16 -11.22 8.26
C TYR B 60 7.87 -11.98 8.59
N ASN B 61 7.16 -12.39 7.55
CA ASN B 61 6.15 -13.41 7.72
C ASN B 61 6.82 -14.71 8.14
N GLU B 62 6.34 -15.31 9.24
CA GLU B 62 6.98 -16.49 9.77
C GLU B 62 7.15 -17.56 8.70
N LYS B 63 6.19 -17.66 7.77
CA LYS B 63 6.30 -18.63 6.68
C LYS B 63 7.53 -18.39 5.80
N PHE B 64 8.08 -17.18 5.81
CA PHE B 64 9.23 -16.84 4.98
C PHE B 64 10.48 -16.51 5.80
N LYS B 65 10.48 -16.81 7.10
CA LYS B 65 11.60 -16.42 7.94
C LYS B 65 12.92 -17.00 7.43
N GLY B 66 12.88 -18.26 6.95
CA GLY B 66 14.09 -18.88 6.44
C GLY B 66 14.40 -18.55 4.99
N LYS B 67 13.41 -18.09 4.23
CA LYS B 67 13.57 -17.87 2.80
C LYS B 67 14.09 -16.46 2.48
N ALA B 68 13.52 -15.44 3.11
CA ALA B 68 13.73 -14.06 2.70
C ALA B 68 14.67 -13.32 3.63
N THR B 69 15.44 -12.40 3.04
CA THR B 69 16.27 -11.47 3.78
C THR B 69 16.16 -10.11 3.12
N PHE B 70 15.79 -9.11 3.91
CA PHE B 70 15.63 -7.75 3.41
C PHE B 70 16.83 -6.90 3.76
N ALA B 71 17.10 -5.93 2.89
CA ALA B 71 18.12 -4.91 3.15
C ALA B 71 17.75 -3.67 2.36
N ALA B 72 18.26 -2.52 2.81
CA ALA B 72 17.96 -1.26 2.16
C ALA B 72 19.20 -0.39 2.14
N ASP B 73 19.40 0.30 1.02
CA ASP B 73 20.56 1.16 0.80
C ASP B 73 20.03 2.58 0.62
N THR B 74 20.18 3.42 1.65
CA THR B 74 19.58 4.74 1.64
C THR B 74 20.31 5.71 0.70
N SER B 75 21.59 5.47 0.41
CA SER B 75 22.28 6.32 -0.55
C SER B 75 21.80 6.04 -1.96
N SER B 76 21.35 4.82 -2.23
CA SER B 76 20.87 4.43 -3.55
C SER B 76 19.35 4.42 -3.66
N ASN B 77 18.64 4.62 -2.55
CA ASN B 77 17.18 4.53 -2.53
C ASN B 77 16.71 3.19 -3.08
N THR B 78 17.41 2.13 -2.72
CA THR B 78 17.15 0.79 -3.24
C THR B 78 16.90 -0.17 -2.09
N ALA B 79 15.80 -0.90 -2.15
CA ALA B 79 15.49 -1.98 -1.23
C ALA B 79 15.77 -3.31 -1.91
N TYR B 80 16.27 -4.27 -1.14
CA TYR B 80 16.65 -5.57 -1.67
C TYR B 80 15.93 -6.68 -0.91
N MET B 81 15.62 -7.75 -1.64
CA MET B 81 15.13 -8.99 -1.04
C MET B 81 15.94 -10.14 -1.61
N GLN B 82 16.55 -10.92 -0.74
CA GLN B 82 17.28 -12.11 -1.13
C GLN B 82 16.44 -13.34 -0.80
N LEU B 83 16.26 -14.20 -1.79
CA LEU B 83 15.56 -15.46 -1.64
C LEU B 83 16.57 -16.60 -1.71
N SER B 84 16.71 -17.36 -0.63
CA SER B 84 17.71 -18.40 -0.52
C SER B 84 17.08 -19.78 -0.67
N SER B 85 17.93 -20.77 -0.94
CA SER B 85 17.52 -22.17 -1.00
C SER B 85 16.30 -22.36 -1.90
N LEU B 86 16.45 -21.94 -3.14
CA LEU B 86 15.31 -21.85 -4.06
C LEU B 86 14.78 -23.23 -4.43
N THR B 87 13.45 -23.35 -4.41
CA THR B 87 12.74 -24.55 -4.83
C THR B 87 11.77 -24.18 -5.95
N SER B 88 11.08 -25.19 -6.47
CA SER B 88 10.08 -24.95 -7.51
C SER B 88 8.97 -24.04 -6.99
N GLU B 89 8.58 -24.20 -5.72
CA GLU B 89 7.49 -23.41 -5.16
C GLU B 89 7.85 -21.94 -5.00
N ASP B 90 9.11 -21.56 -5.19
CA ASP B 90 9.49 -20.16 -5.16
C ASP B 90 9.33 -19.47 -6.52
N SER B 91 9.00 -20.22 -7.56
CA SER B 91 8.76 -19.63 -8.88
C SER B 91 7.48 -18.81 -8.81
N ALA B 92 7.60 -17.50 -8.99
CA ALA B 92 6.47 -16.60 -8.78
C ALA B 92 6.85 -15.22 -9.27
N VAL B 93 5.87 -14.32 -9.26
CA VAL B 93 6.11 -12.90 -9.43
C VAL B 93 6.22 -12.29 -8.04
N TYR B 94 7.25 -11.48 -7.83
CA TYR B 94 7.48 -10.81 -6.55
C TYR B 94 7.35 -9.31 -6.75
N TYR B 95 6.48 -8.68 -5.97
CA TYR B 95 6.28 -7.24 -5.99
C TYR B 95 6.93 -6.61 -4.77
N CYS B 96 7.53 -5.45 -4.97
CA CYS B 96 7.76 -4.52 -3.88
C CYS B 96 6.67 -3.45 -3.93
N ALA B 97 6.40 -2.86 -2.78
CA ALA B 97 5.35 -1.86 -2.70
C ALA B 97 5.63 -0.97 -1.50
N ARG B 98 5.07 0.23 -1.56
CA ARG B 98 5.22 1.22 -0.49
C ARG B 98 3.90 1.37 0.24
N LEU B 99 3.97 1.53 1.57
CA LEU B 99 2.79 1.88 2.33
C LEU B 99 2.39 3.32 2.03
N GLY B 100 1.08 3.54 1.92
CA GLY B 100 0.59 4.87 1.57
C GLY B 100 0.83 5.90 2.65
N THR B 101 0.89 5.47 3.90
CA THR B 101 1.11 6.37 5.02
C THR B 101 2.57 6.30 5.47
N THR B 102 2.94 7.23 6.35
CA THR B 102 4.32 7.31 6.84
C THR B 102 4.54 6.30 7.96
N ALA B 103 5.75 6.33 8.53
CA ALA B 103 6.28 5.18 9.25
C ALA B 103 5.43 4.81 10.47
N VAL B 104 4.93 5.81 11.21
CA VAL B 104 4.26 5.54 12.48
C VAL B 104 2.75 5.62 12.37
N GLU B 105 2.21 5.79 11.16
CA GLU B 105 0.77 5.81 10.97
C GLU B 105 0.23 4.37 10.86
N ARG B 106 -1.08 4.24 11.04
CA ARG B 106 -1.69 2.93 11.24
C ARG B 106 -2.26 2.29 9.99
N ASP B 107 -2.53 3.06 8.94
CA ASP B 107 -3.17 2.53 7.73
C ASP B 107 -2.08 1.95 6.83
N TRP B 108 -1.91 0.63 6.89
CA TRP B 108 -0.86 -0.06 6.14
C TRP B 108 -1.44 -0.63 4.85
N TYR B 109 -1.82 0.27 3.95
CA TYR B 109 -2.25 -0.10 2.61
C TYR B 109 -1.17 0.24 1.60
N PHE B 110 -1.16 -0.49 0.48
CA PHE B 110 -0.07 -0.42 -0.49
C PHE B 110 -0.52 0.52 -1.61
N ASP B 111 0.02 1.75 -1.63
CA ASP B 111 -0.42 2.73 -2.60
C ASP B 111 0.37 2.70 -3.90
N VAL B 112 1.66 2.33 -3.86
CA VAL B 112 2.50 2.29 -5.05
C VAL B 112 3.19 0.94 -5.11
N TRP B 113 3.03 0.24 -6.23
CA TRP B 113 3.60 -1.08 -6.45
C TRP B 113 4.66 -1.02 -7.54
N GLY B 114 5.63 -1.91 -7.45
CA GLY B 114 6.53 -2.14 -8.57
C GLY B 114 5.85 -2.93 -9.66
N ALA B 115 6.54 -3.05 -10.79
CA ALA B 115 6.01 -3.80 -11.92
C ALA B 115 6.11 -5.30 -11.73
N GLY B 116 6.81 -5.77 -10.70
CA GLY B 116 6.96 -7.19 -10.45
C GLY B 116 8.23 -7.75 -11.06
N THR B 117 8.67 -8.87 -10.47
CA THR B 117 9.88 -9.56 -10.91
C THR B 117 9.59 -11.05 -10.93
N THR B 118 9.64 -11.65 -12.10
CA THR B 118 9.38 -13.07 -12.24
C THR B 118 10.64 -13.87 -11.95
N VAL B 119 10.51 -14.84 -11.04
CA VAL B 119 11.60 -15.75 -10.70
C VAL B 119 11.21 -17.14 -11.17
N THR B 120 12.10 -17.79 -11.92
CA THR B 120 11.89 -19.16 -12.37
C THR B 120 12.99 -20.03 -11.78
N VAL B 121 12.59 -21.08 -11.07
CA VAL B 121 13.52 -22.01 -10.46
C VAL B 121 13.39 -23.34 -11.18
N SER B 122 14.45 -23.76 -11.88
CA SER B 122 14.38 -24.97 -12.69
C SER B 122 15.79 -25.48 -12.97
N LEU B 123 15.93 -26.81 -13.03
CA LEU B 123 17.15 -27.42 -13.53
C LEU B 123 17.25 -27.33 -15.04
N ALA B 124 16.12 -27.15 -15.73
CA ALA B 124 16.10 -27.19 -17.19
C ALA B 124 16.95 -26.07 -17.76
N ASP B 125 17.50 -26.32 -18.95
CA ASP B 125 18.36 -25.37 -19.63
C ASP B 125 17.55 -24.45 -20.54
N PRO B 126 17.95 -23.20 -20.70
CA PRO B 126 17.25 -22.33 -21.65
C PRO B 126 17.32 -22.89 -23.07
N SER B 127 16.17 -22.89 -23.74
CA SER B 127 16.07 -23.34 -25.12
C SER B 127 15.36 -22.27 -25.94
N ALA B 128 15.97 -21.87 -27.04
CA ALA B 128 15.35 -20.89 -27.92
C ALA B 128 14.15 -21.52 -28.64
N PRO B 129 13.10 -20.75 -28.90
CA PRO B 129 11.92 -21.32 -29.54
C PRO B 129 12.15 -21.66 -31.00
N SER B 130 11.43 -22.67 -31.46
CA SER B 130 11.23 -22.89 -32.88
C SER B 130 9.92 -22.21 -33.28
N VAL B 131 9.99 -21.35 -34.29
CA VAL B 131 8.84 -20.55 -34.71
C VAL B 131 8.40 -21.06 -36.07
N TYR B 132 7.12 -21.42 -36.18
CA TYR B 132 6.58 -21.97 -37.41
C TYR B 132 5.41 -21.12 -37.89
N PRO B 133 5.32 -20.84 -39.19
CA PRO B 133 4.18 -20.07 -39.70
C PRO B 133 2.94 -20.94 -39.86
N LEU B 134 1.78 -20.31 -39.71
CA LEU B 134 0.49 -20.97 -39.86
C LEU B 134 -0.27 -20.24 -40.96
N ALA B 135 -0.13 -20.74 -42.21
CA ALA B 135 -0.85 -20.17 -43.33
C ALA B 135 -2.17 -20.90 -43.53
N PRO B 136 -3.21 -20.22 -44.03
CA PRO B 136 -4.51 -20.87 -44.19
C PRO B 136 -4.43 -22.07 -45.11
N VAL B 137 -5.45 -22.93 -45.02
CA VAL B 137 -5.53 -24.09 -45.88
C VAL B 137 -5.68 -23.62 -47.33
N CYS B 138 -5.25 -24.48 -48.26
CA CYS B 138 -5.35 -24.16 -49.67
C CYS B 138 -6.80 -23.90 -50.05
N GLY B 139 -7.00 -23.47 -51.30
CA GLY B 139 -8.32 -23.13 -51.77
C GLY B 139 -8.76 -21.76 -51.30
N ASP B 140 -9.40 -21.00 -52.17
CA ASP B 140 -9.81 -19.64 -51.84
C ASP B 140 -11.03 -19.66 -50.94
N THR B 141 -11.00 -18.85 -49.89
CA THR B 141 -12.17 -18.66 -49.04
C THR B 141 -13.06 -17.57 -49.64
N THR B 142 -14.32 -17.55 -49.18
CA THR B 142 -15.21 -16.47 -49.56
C THR B 142 -14.57 -15.11 -49.25
N GLY B 143 -13.81 -15.04 -48.16
CA GLY B 143 -12.99 -13.87 -47.88
C GLY B 143 -13.44 -13.06 -46.69
N SER B 144 -13.61 -11.76 -46.89
CA SER B 144 -13.91 -10.81 -45.83
C SER B 144 -12.74 -10.69 -44.87
N SER B 145 -12.37 -11.78 -44.19
CA SER B 145 -11.25 -11.77 -43.27
C SER B 145 -10.52 -13.10 -43.34
N VAL B 146 -9.20 -13.04 -43.18
CA VAL B 146 -8.33 -14.20 -43.14
C VAL B 146 -7.62 -14.23 -41.80
N THR B 147 -7.43 -15.42 -41.25
CA THR B 147 -6.76 -15.59 -39.97
C THR B 147 -5.42 -16.28 -40.22
N LEU B 148 -4.34 -15.63 -39.80
CA LEU B 148 -2.99 -16.17 -39.89
C LEU B 148 -2.50 -16.53 -38.49
N GLY B 149 -1.39 -17.27 -38.44
CA GLY B 149 -0.91 -17.75 -37.17
C GLY B 149 0.60 -17.87 -37.12
N CYS B 150 1.09 -18.02 -35.89
CA CYS B 150 2.51 -18.12 -35.59
C CYS B 150 2.64 -19.09 -34.44
N LEU B 151 3.32 -20.21 -34.66
CA LEU B 151 3.47 -21.25 -33.64
C LEU B 151 4.89 -21.17 -33.06
N VAL B 152 4.98 -20.90 -31.76
CA VAL B 152 6.24 -20.75 -31.05
C VAL B 152 6.36 -21.95 -30.12
N LYS B 153 7.23 -22.90 -30.47
CA LYS B 153 7.23 -24.21 -29.86
C LYS B 153 8.59 -24.53 -29.24
N GLY B 154 8.56 -25.10 -28.03
CA GLY B 154 9.74 -25.69 -27.42
C GLY B 154 10.77 -24.71 -26.89
N TYR B 155 10.34 -23.70 -26.12
CA TYR B 155 11.27 -22.75 -25.54
C TYR B 155 11.23 -22.82 -24.02
N PHE B 156 12.33 -22.38 -23.42
CA PHE B 156 12.44 -22.26 -21.98
C PHE B 156 13.55 -21.25 -21.64
N PRO B 157 13.34 -20.43 -20.61
CA PRO B 157 12.12 -20.23 -19.82
C PRO B 157 11.23 -19.15 -20.42
N GLU B 158 10.17 -18.82 -19.70
CA GLU B 158 9.37 -17.66 -20.05
C GLU B 158 10.13 -16.38 -19.71
N PRO B 159 9.77 -15.25 -20.34
CA PRO B 159 8.72 -15.12 -21.35
C PRO B 159 9.27 -15.02 -22.76
N VAL B 160 8.34 -14.94 -23.71
CA VAL B 160 8.64 -14.64 -25.10
C VAL B 160 7.83 -13.42 -25.48
N THR B 161 8.39 -12.59 -26.36
CA THR B 161 7.72 -11.39 -26.84
C THR B 161 7.40 -11.58 -28.32
N LEU B 162 6.10 -11.63 -28.63
CA LEU B 162 5.63 -11.85 -29.99
C LEU B 162 4.96 -10.58 -30.49
N THR B 163 5.37 -10.11 -31.66
CA THR B 163 4.74 -9.00 -32.34
C THR B 163 4.50 -9.37 -33.79
N TRP B 164 3.62 -8.63 -34.44
CA TRP B 164 3.32 -8.80 -35.86
C TRP B 164 3.78 -7.56 -36.61
N ASN B 165 4.62 -7.76 -37.63
CA ASN B 165 5.23 -6.67 -38.37
C ASN B 165 5.95 -5.69 -37.42
N SER B 166 6.78 -6.26 -36.56
CA SER B 166 7.62 -5.50 -35.63
C SER B 166 6.81 -4.73 -34.60
N GLY B 167 5.50 -4.94 -34.55
CA GLY B 167 4.63 -4.21 -33.64
C GLY B 167 3.65 -3.28 -34.34
N SER B 168 3.85 -3.00 -35.63
CA SER B 168 2.96 -2.09 -36.34
C SER B 168 1.59 -2.69 -36.60
N LEU B 169 1.39 -3.98 -36.35
CA LEU B 169 0.11 -4.66 -36.54
C LEU B 169 -0.30 -5.25 -35.20
N SER B 170 -1.13 -4.53 -34.46
CA SER B 170 -1.59 -4.97 -33.14
C SER B 170 -3.08 -5.24 -33.08
N SER B 171 -3.85 -4.82 -34.07
CA SER B 171 -5.29 -5.08 -34.09
C SER B 171 -5.56 -6.50 -34.52
N GLY B 172 -6.67 -7.06 -34.03
CA GLY B 172 -7.06 -8.40 -34.39
C GLY B 172 -6.06 -9.47 -34.02
N VAL B 173 -5.22 -9.22 -33.02
CA VAL B 173 -4.20 -10.16 -32.59
C VAL B 173 -4.68 -10.87 -31.33
N HIS B 174 -4.41 -12.17 -31.24
CA HIS B 174 -4.65 -12.96 -30.04
C HIS B 174 -3.41 -13.77 -29.77
N THR B 175 -2.65 -13.39 -28.74
CA THR B 175 -1.47 -14.14 -28.31
C THR B 175 -1.87 -14.94 -27.08
N PHE B 176 -1.93 -16.26 -27.22
CA PHE B 176 -2.48 -17.13 -26.19
C PHE B 176 -1.45 -17.41 -25.11
N PRO B 177 -1.89 -17.66 -23.87
CA PRO B 177 -0.93 -18.00 -22.82
C PRO B 177 -0.17 -19.27 -23.15
N ALA B 178 1.11 -19.29 -22.79
CA ALA B 178 1.95 -20.45 -23.06
C ALA B 178 1.52 -21.64 -22.20
N VAL B 179 1.76 -22.84 -22.73
CA VAL B 179 1.47 -24.08 -22.02
C VAL B 179 2.78 -24.85 -21.86
N LEU B 180 2.94 -25.49 -20.71
CA LEU B 180 4.17 -26.17 -20.35
C LEU B 180 3.97 -27.68 -20.47
N GLN B 181 4.84 -28.32 -21.27
CA GLN B 181 4.88 -29.77 -21.37
C GLN B 181 6.35 -30.20 -21.41
N SER B 182 6.66 -31.28 -20.70
CA SER B 182 8.05 -31.69 -20.48
C SER B 182 8.71 -30.56 -19.70
N ASP B 183 9.79 -29.96 -20.18
CA ASP B 183 10.35 -28.74 -19.62
C ASP B 183 10.39 -27.65 -20.67
N LEU B 184 9.39 -27.62 -21.54
CA LEU B 184 9.36 -26.72 -22.68
C LEU B 184 7.99 -26.07 -22.80
N TYR B 185 7.99 -24.77 -23.08
CA TYR B 185 6.76 -24.02 -23.29
C TYR B 185 6.41 -23.98 -24.77
N THR B 186 5.11 -23.96 -25.06
CA THR B 186 4.61 -23.80 -26.41
C THR B 186 3.58 -22.67 -26.42
N LEU B 187 3.58 -21.92 -27.52
CA LEU B 187 2.88 -20.64 -27.58
C LEU B 187 2.39 -20.45 -29.01
N SER B 188 1.19 -19.88 -29.15
CA SER B 188 0.64 -19.59 -30.47
C SER B 188 0.02 -18.20 -30.45
N SER B 189 -0.04 -17.58 -31.63
CA SER B 189 -0.64 -16.26 -31.81
C SER B 189 -1.38 -16.24 -33.13
N SER B 190 -2.56 -15.62 -33.12
CA SER B 190 -3.38 -15.47 -34.32
C SER B 190 -3.54 -13.99 -34.65
N VAL B 191 -3.63 -13.69 -35.94
CA VAL B 191 -3.90 -12.35 -36.42
C VAL B 191 -4.90 -12.44 -37.56
N THR B 192 -5.89 -11.54 -37.55
CA THR B 192 -6.97 -11.53 -38.53
C THR B 192 -6.93 -10.20 -39.26
N VAL B 193 -6.81 -10.26 -40.58
CA VAL B 193 -6.78 -9.08 -41.43
C VAL B 193 -7.80 -9.25 -42.55
N THR B 194 -8.06 -8.15 -43.25
CA THR B 194 -8.97 -8.19 -44.39
C THR B 194 -8.41 -9.08 -45.49
N SER B 195 -9.31 -9.68 -46.27
CA SER B 195 -8.88 -10.50 -47.40
C SER B 195 -8.02 -9.71 -48.37
N SER B 196 -8.28 -8.41 -48.52
CA SER B 196 -7.50 -7.56 -49.40
C SER B 196 -6.14 -7.21 -48.83
N THR B 197 -5.92 -7.43 -47.54
CA THR B 197 -4.63 -7.12 -46.93
C THR B 197 -3.58 -8.16 -47.26
N TRP B 198 -3.96 -9.43 -47.23
CA TRP B 198 -3.01 -10.53 -47.37
C TRP B 198 -3.48 -11.48 -48.48
N PRO B 199 -2.54 -12.01 -49.28
CA PRO B 199 -1.08 -11.88 -49.21
C PRO B 199 -0.50 -10.72 -50.01
N SER B 200 -1.33 -9.79 -50.48
CA SER B 200 -0.82 -8.67 -51.24
C SER B 200 0.22 -7.89 -50.42
N GLN B 201 -0.02 -7.76 -49.12
CA GLN B 201 0.95 -7.17 -48.20
C GLN B 201 1.56 -8.27 -47.33
N SER B 202 2.81 -8.06 -46.94
CA SER B 202 3.53 -9.05 -46.16
C SER B 202 3.14 -8.97 -44.69
N ILE B 203 3.08 -10.12 -44.04
CA ILE B 203 2.80 -10.22 -42.61
C ILE B 203 3.82 -11.17 -41.99
N THR B 204 4.50 -10.70 -40.95
CA THR B 204 5.58 -11.43 -40.31
C THR B 204 5.41 -11.36 -38.81
N CYS B 205 5.58 -12.49 -38.13
CA CYS B 205 5.59 -12.52 -36.68
C CYS B 205 7.04 -12.48 -36.18
N ASN B 206 7.27 -11.66 -35.17
CA ASN B 206 8.60 -11.45 -34.61
C ASN B 206 8.61 -12.02 -33.19
N VAL B 207 9.49 -13.00 -32.95
CA VAL B 207 9.55 -13.71 -31.68
C VAL B 207 10.90 -13.41 -31.04
N ALA B 208 10.88 -12.74 -29.89
CA ALA B 208 12.08 -12.45 -29.13
C ALA B 208 12.08 -13.29 -27.85
N HIS B 209 13.22 -13.90 -27.56
CA HIS B 209 13.40 -14.70 -26.35
C HIS B 209 14.60 -14.14 -25.61
N PRO B 210 14.41 -13.16 -24.71
CA PRO B 210 15.57 -12.54 -24.06
C PRO B 210 16.45 -13.52 -23.31
N ALA B 211 15.88 -14.63 -22.81
CA ALA B 211 16.68 -15.59 -22.05
C ALA B 211 17.82 -16.14 -22.89
N SER B 212 17.51 -16.70 -24.05
CA SER B 212 18.51 -17.22 -24.96
C SER B 212 19.09 -16.14 -25.87
N SER B 213 18.70 -14.88 -25.69
CA SER B 213 19.23 -13.77 -26.47
C SER B 213 19.09 -14.04 -27.97
N THR B 214 17.84 -14.22 -28.40
CA THR B 214 17.54 -14.51 -29.79
C THR B 214 16.27 -13.76 -30.19
N LYS B 215 16.25 -13.30 -31.44
CA LYS B 215 15.04 -12.74 -32.05
C LYS B 215 14.97 -13.25 -33.47
N VAL B 216 13.86 -13.91 -33.81
CA VAL B 216 13.69 -14.52 -35.12
C VAL B 216 12.45 -13.92 -35.77
N ASP B 217 12.28 -14.22 -37.06
CA ASP B 217 11.17 -13.71 -37.85
C ASP B 217 10.72 -14.80 -38.82
N LYS B 218 9.41 -14.96 -38.95
CA LYS B 218 8.83 -15.91 -39.89
C LYS B 218 7.75 -15.20 -40.68
N LYS B 219 7.97 -15.02 -41.98
CA LYS B 219 6.97 -14.46 -42.86
C LYS B 219 5.91 -15.51 -43.17
N ILE B 220 4.65 -15.10 -43.13
CA ILE B 220 3.54 -16.01 -43.41
C ILE B 220 3.31 -16.00 -44.92
N GLU B 221 3.67 -17.12 -45.57
CA GLU B 221 3.57 -17.19 -47.02
C GLU B 221 2.47 -18.16 -47.45
N PRO B 222 1.74 -17.85 -48.52
CA PRO B 222 0.55 -18.64 -48.84
C PRO B 222 0.84 -20.12 -49.07
N ARG B 223 -0.24 -20.88 -49.02
CA ARG B 223 -0.32 -22.33 -49.25
C ARG B 223 0.08 -23.28 -48.13
N GLY B 224 -0.91 -23.76 -47.37
CA GLY B 224 -0.68 -24.69 -46.29
C GLY B 224 -0.60 -24.04 -44.93
N ASP C 1 -2.82 -16.83 12.09
CA ASP C 1 -2.96 -15.92 10.91
C ASP C 1 -4.43 -15.72 10.56
N ILE C 2 -4.79 -14.50 10.17
CA ILE C 2 -6.15 -14.19 9.80
C ILE C 2 -6.39 -14.61 8.35
N VAL C 3 -7.41 -15.41 8.13
CA VAL C 3 -7.78 -15.86 6.79
C VAL C 3 -8.82 -14.90 6.23
N MET C 4 -8.56 -14.38 5.03
CA MET C 4 -9.52 -13.52 4.33
C MET C 4 -10.17 -14.35 3.23
N THR C 5 -11.48 -14.57 3.36
CA THR C 5 -12.22 -15.44 2.45
C THR C 5 -13.07 -14.60 1.51
N GLN C 6 -12.78 -14.70 0.21
CA GLN C 6 -13.64 -14.15 -0.83
C GLN C 6 -14.35 -15.32 -1.49
N SER C 7 -15.59 -15.58 -1.04
CA SER C 7 -16.32 -16.76 -1.48
C SER C 7 -16.57 -16.75 -2.98
N GLN C 8 -16.71 -15.57 -3.58
CA GLN C 8 -17.01 -15.45 -5.01
C GLN C 8 -15.71 -15.48 -5.79
N LYS C 9 -15.49 -16.58 -6.53
CA LYS C 9 -14.33 -16.66 -7.41
C LYS C 9 -14.55 -15.86 -8.68
N PHE C 10 -15.78 -15.85 -9.19
CA PHE C 10 -16.14 -15.10 -10.37
C PHE C 10 -17.39 -14.28 -10.08
N MET C 11 -17.63 -13.28 -10.94
CA MET C 11 -18.76 -12.37 -10.75
C MET C 11 -19.05 -11.69 -12.07
N SER C 12 -20.32 -11.73 -12.49
CA SER C 12 -20.73 -11.19 -13.77
C SER C 12 -21.45 -9.86 -13.59
N ALA C 13 -21.34 -9.00 -14.60
CA ALA C 13 -21.97 -7.69 -14.58
C ALA C 13 -22.08 -7.15 -15.99
N SER C 14 -23.23 -6.55 -16.29
CA SER C 14 -23.35 -5.71 -17.47
C SER C 14 -22.90 -4.30 -17.12
N VAL C 15 -22.52 -3.55 -18.16
CA VAL C 15 -22.21 -2.14 -17.97
C VAL C 15 -23.43 -1.46 -17.38
N GLY C 16 -23.21 -0.63 -16.36
CA GLY C 16 -24.29 0.04 -15.67
C GLY C 16 -24.85 -0.71 -14.48
N ASP C 17 -24.46 -1.96 -14.28
CA ASP C 17 -24.98 -2.74 -13.16
C ASP C 17 -24.26 -2.38 -11.87
N ARG C 18 -24.82 -2.88 -10.76
CA ARG C 18 -24.25 -2.71 -9.43
C ARG C 18 -23.80 -4.09 -8.94
N VAL C 19 -22.50 -4.24 -8.72
CA VAL C 19 -21.97 -5.48 -8.16
C VAL C 19 -21.29 -5.16 -6.84
N SER C 20 -21.24 -6.18 -5.97
CA SER C 20 -20.59 -6.05 -4.68
C SER C 20 -19.75 -7.30 -4.42
N VAL C 21 -18.48 -7.08 -4.10
CA VAL C 21 -17.57 -8.16 -3.74
C VAL C 21 -17.50 -8.23 -2.22
N THR C 22 -17.61 -9.43 -1.68
CA THR C 22 -17.61 -9.65 -0.24
C THR C 22 -16.28 -10.24 0.21
N CYS C 23 -15.88 -9.88 1.43
CA CYS C 23 -14.63 -10.35 2.02
C CYS C 23 -14.91 -10.60 3.50
N LYS C 24 -14.71 -11.84 3.94
CA LYS C 24 -14.98 -12.23 5.32
C LYS C 24 -13.67 -12.61 6.00
N ALA C 25 -13.30 -11.84 7.02
CA ALA C 25 -12.12 -12.16 7.81
C ALA C 25 -12.47 -13.20 8.87
N SER C 26 -11.53 -14.11 9.13
CA SER C 26 -11.79 -15.19 10.08
C SER C 26 -11.92 -14.68 11.52
N GLN C 27 -11.44 -13.47 11.79
CA GLN C 27 -11.63 -12.86 13.11
C GLN C 27 -11.59 -11.36 12.94
N ASN C 28 -11.88 -10.65 14.03
CA ASN C 28 -12.05 -9.20 13.98
C ASN C 28 -10.80 -8.52 13.44
N VAL C 29 -11.01 -7.59 12.50
CA VAL C 29 -9.93 -6.75 11.99
C VAL C 29 -10.34 -5.28 12.06
N GLY C 30 -11.46 -4.99 12.72
CA GLY C 30 -11.91 -3.63 12.84
C GLY C 30 -12.24 -3.04 11.48
N THR C 31 -11.66 -1.88 11.17
CA THR C 31 -11.74 -1.29 9.85
C THR C 31 -10.38 -1.26 9.17
N HIS C 32 -9.43 -2.06 9.64
CA HIS C 32 -8.09 -2.12 9.06
C HIS C 32 -8.12 -3.07 7.85
N LEU C 33 -8.79 -2.61 6.80
CA LEU C 33 -8.96 -3.40 5.59
C LEU C 33 -8.81 -2.49 4.37
N ALA C 34 -8.18 -3.02 3.32
CA ALA C 34 -7.99 -2.31 2.06
C ALA C 34 -8.47 -3.18 0.91
N TRP C 35 -8.87 -2.51 -0.17
CA TRP C 35 -9.32 -3.17 -1.39
C TRP C 35 -8.41 -2.78 -2.55
N TYR C 36 -8.12 -3.74 -3.42
CA TYR C 36 -7.22 -3.53 -4.54
C TYR C 36 -7.85 -4.02 -5.83
N GLN C 37 -7.40 -3.44 -6.93
CA GLN C 37 -7.78 -3.84 -8.28
C GLN C 37 -6.54 -4.28 -9.03
N GLN C 38 -6.65 -5.39 -9.77
CA GLN C 38 -5.55 -5.87 -10.58
C GLN C 38 -6.08 -6.40 -11.90
N LYS C 39 -5.53 -5.90 -12.98
CA LYS C 39 -5.81 -6.41 -14.31
C LYS C 39 -4.67 -7.30 -14.77
N PRO C 40 -4.93 -8.27 -15.65
CA PRO C 40 -3.88 -9.22 -16.00
C PRO C 40 -2.66 -8.53 -16.58
N GLY C 41 -1.47 -8.98 -16.15
CA GLY C 41 -0.22 -8.42 -16.59
C GLY C 41 0.18 -7.12 -15.93
N GLN C 42 -0.62 -6.61 -14.99
CA GLN C 42 -0.35 -5.34 -14.34
C GLN C 42 -0.26 -5.54 -12.83
N SER C 43 0.41 -4.58 -12.18
CA SER C 43 0.49 -4.59 -10.72
C SER C 43 -0.84 -4.15 -10.12
N PRO C 44 -1.13 -4.55 -8.89
CA PRO C 44 -2.37 -4.10 -8.25
C PRO C 44 -2.40 -2.59 -8.06
N LYS C 45 -3.61 -2.06 -7.92
CA LYS C 45 -3.83 -0.65 -7.65
C LYS C 45 -4.72 -0.52 -6.42
N ALA C 46 -4.42 0.48 -5.59
CA ALA C 46 -5.22 0.71 -4.39
C ALA C 46 -6.58 1.31 -4.75
N LEU C 47 -7.63 0.79 -4.10
CA LEU C 47 -8.98 1.33 -4.25
C LEU C 47 -9.48 1.91 -2.95
N ILE C 48 -9.53 1.11 -1.89
CA ILE C 48 -10.10 1.50 -0.61
C ILE C 48 -9.08 1.19 0.48
N TYR C 49 -9.02 2.05 1.49
CA TYR C 49 -8.29 1.75 2.71
C TYR C 49 -9.16 2.17 3.89
N SER C 50 -8.84 1.61 5.06
CA SER C 50 -9.65 1.81 6.26
C SER C 50 -11.10 1.41 6.00
N ALA C 51 -11.29 0.37 5.20
CA ALA C 51 -12.60 -0.23 4.94
C ALA C 51 -13.49 0.61 4.03
N SER C 52 -13.46 1.94 4.17
CA SER C 52 -14.40 2.79 3.46
C SER C 52 -13.79 4.06 2.87
N TYR C 53 -12.52 4.36 3.12
CA TYR C 53 -11.90 5.54 2.55
C TYR C 53 -11.44 5.24 1.13
N ARG C 54 -11.82 6.11 0.19
CA ARG C 54 -11.43 5.92 -1.20
C ARG C 54 -10.02 6.48 -1.42
N TYR C 55 -9.18 5.69 -2.08
CA TYR C 55 -7.86 6.17 -2.46
C TYR C 55 -7.99 7.34 -3.44
N SER C 56 -6.95 8.17 -3.46
CA SER C 56 -7.06 9.55 -3.96
C SER C 56 -7.79 9.62 -5.30
N GLY C 57 -7.26 8.97 -6.33
CA GLY C 57 -7.80 9.15 -7.67
C GLY C 57 -8.97 8.26 -8.03
N VAL C 58 -9.48 7.49 -7.08
CA VAL C 58 -10.42 6.42 -7.41
C VAL C 58 -11.81 7.02 -7.62
N PRO C 59 -12.56 6.61 -8.65
CA PRO C 59 -13.92 7.14 -8.84
C PRO C 59 -14.83 6.81 -7.66
N ASP C 60 -15.78 7.71 -7.40
CA ASP C 60 -16.65 7.59 -6.24
C ASP C 60 -17.74 6.52 -6.40
N ARG C 61 -17.79 5.83 -7.54
CA ARG C 61 -18.67 4.68 -7.67
C ARG C 61 -18.07 3.42 -7.08
N PHE C 62 -16.82 3.48 -6.62
CA PHE C 62 -16.25 2.45 -5.77
C PHE C 62 -16.49 2.84 -4.32
N THR C 63 -17.28 2.02 -3.61
CA THR C 63 -17.55 2.24 -2.21
C THR C 63 -17.22 0.99 -1.42
N GLY C 64 -16.61 1.18 -0.25
CA GLY C 64 -16.32 0.10 0.67
C GLY C 64 -17.12 0.27 1.95
N SER C 65 -17.56 -0.85 2.52
CA SER C 65 -18.34 -0.81 3.75
C SER C 65 -18.04 -2.08 4.53
N GLY C 66 -18.45 -2.08 5.80
CA GLY C 66 -18.27 -3.20 6.69
C GLY C 66 -17.30 -2.88 7.81
N SER C 67 -17.29 -3.78 8.80
CA SER C 67 -16.39 -3.68 9.94
C SER C 67 -16.43 -4.99 10.69
N GLY C 68 -15.38 -5.23 11.46
CA GLY C 68 -15.27 -6.47 12.20
C GLY C 68 -14.78 -7.62 11.33
N THR C 69 -15.71 -8.39 10.78
CA THR C 69 -15.38 -9.55 9.96
C THR C 69 -15.92 -9.48 8.55
N ASP C 70 -17.03 -8.78 8.31
CA ASP C 70 -17.72 -8.78 7.03
C ASP C 70 -17.49 -7.44 6.34
N PHE C 71 -16.97 -7.49 5.11
CA PHE C 71 -16.66 -6.30 4.34
C PHE C 71 -17.18 -6.47 2.93
N THR C 72 -17.47 -5.34 2.27
CA THR C 72 -18.03 -5.37 0.94
C THR C 72 -17.43 -4.23 0.11
N LEU C 73 -17.04 -4.57 -1.11
CA LEU C 73 -16.65 -3.59 -2.13
C LEU C 73 -17.77 -3.51 -3.15
N THR C 74 -18.41 -2.35 -3.24
CA THR C 74 -19.52 -2.14 -4.15
C THR C 74 -19.08 -1.27 -5.32
N ILE C 75 -19.23 -1.79 -6.53
CA ILE C 75 -18.99 -1.03 -7.75
C ILE C 75 -20.36 -0.71 -8.34
N SER C 76 -20.74 0.55 -8.27
CA SER C 76 -21.99 1.00 -8.87
C SER C 76 -21.71 1.54 -10.27
N ASN C 77 -22.68 1.38 -11.16
CA ASN C 77 -22.55 1.79 -12.54
C ASN C 77 -21.27 1.23 -13.14
N VAL C 78 -21.23 -0.10 -13.23
CA VAL C 78 -20.04 -0.79 -13.74
C VAL C 78 -19.67 -0.23 -15.09
N GLN C 79 -18.37 0.04 -15.27
CA GLN C 79 -17.84 0.54 -16.53
C GLN C 79 -16.97 -0.52 -17.18
N SER C 80 -16.83 -0.42 -18.50
CA SER C 80 -16.07 -1.43 -19.25
C SER C 80 -14.66 -1.58 -18.69
N GLY C 81 -14.07 -0.51 -18.18
CA GLY C 81 -12.73 -0.56 -17.64
C GLY C 81 -12.60 -1.27 -16.30
N ASP C 82 -13.71 -1.67 -15.69
CA ASP C 82 -13.67 -2.34 -14.40
C ASP C 82 -13.38 -3.84 -14.52
N LEU C 83 -13.26 -4.36 -15.73
CA LEU C 83 -12.86 -5.74 -15.95
C LEU C 83 -11.52 -6.00 -15.26
N ALA C 84 -11.54 -6.72 -14.14
CA ALA C 84 -10.33 -6.88 -13.35
C ALA C 84 -10.58 -7.89 -12.23
N ASP C 85 -9.51 -8.21 -11.51
CA ASP C 85 -9.60 -8.94 -10.25
C ASP C 85 -9.63 -7.94 -9.10
N TYR C 86 -10.35 -8.31 -8.04
CA TYR C 86 -10.47 -7.49 -6.85
C TYR C 86 -10.20 -8.37 -5.63
N PHE C 87 -9.35 -7.89 -4.73
CA PHE C 87 -9.01 -8.63 -3.54
C PHE C 87 -8.86 -7.68 -2.36
N CYS C 88 -9.10 -8.21 -1.16
CA CYS C 88 -9.02 -7.43 0.07
C CYS C 88 -7.68 -7.69 0.77
N GLN C 89 -7.42 -6.87 1.78
CA GLN C 89 -6.22 -6.99 2.58
C GLN C 89 -6.53 -6.50 3.98
N GLN C 90 -6.17 -7.30 4.98
CA GLN C 90 -6.27 -6.88 6.37
C GLN C 90 -4.88 -6.51 6.88
N TYR C 91 -4.81 -5.42 7.66
CA TYR C 91 -3.57 -5.01 8.31
C TYR C 91 -3.80 -4.75 9.79
N ASN C 92 -4.75 -5.48 10.39
CA ASN C 92 -4.94 -5.44 11.83
C ASN C 92 -3.99 -6.34 12.58
N ASN C 93 -3.46 -7.38 11.92
CA ASN C 93 -2.64 -8.39 12.58
C ASN C 93 -1.50 -8.81 11.67
N PHE C 94 -0.39 -9.18 12.30
CA PHE C 94 0.71 -9.82 11.59
C PHE C 94 0.48 -11.33 11.55
N PRO C 95 0.78 -11.98 10.41
CA PRO C 95 1.22 -11.34 9.16
C PRO C 95 0.06 -10.70 8.41
N LEU C 96 0.35 -9.67 7.61
CA LEU C 96 -0.65 -9.16 6.68
C LEU C 96 -1.11 -10.29 5.78
N THR C 97 -2.40 -10.29 5.44
CA THR C 97 -2.98 -11.34 4.62
C THR C 97 -3.96 -10.74 3.63
N PHE C 98 -4.09 -11.42 2.49
CA PHE C 98 -4.93 -10.98 1.40
C PHE C 98 -6.01 -12.02 1.13
N GLY C 99 -7.13 -11.57 0.59
CA GLY C 99 -8.08 -12.47 0.00
C GLY C 99 -7.58 -13.03 -1.31
N ALA C 100 -8.16 -14.16 -1.72
CA ALA C 100 -7.70 -14.85 -2.93
C ALA C 100 -8.16 -14.18 -4.21
N GLY C 101 -9.03 -13.18 -4.13
CA GLY C 101 -9.41 -12.41 -5.29
C GLY C 101 -10.71 -12.89 -5.91
N THR C 102 -11.45 -11.94 -6.47
CA THR C 102 -12.66 -12.22 -7.23
C THR C 102 -12.49 -11.63 -8.62
N LYS C 103 -12.81 -12.41 -9.65
CA LYS C 103 -12.69 -11.96 -11.02
C LYS C 103 -14.03 -11.40 -11.48
N LEU C 104 -14.03 -10.14 -11.90
CA LEU C 104 -15.21 -9.52 -12.47
C LEU C 104 -15.15 -9.67 -13.99
N GLU C 105 -16.19 -10.26 -14.57
CA GLU C 105 -16.29 -10.44 -16.01
C GLU C 105 -17.55 -9.75 -16.51
N ILE C 106 -17.42 -9.05 -17.64
CA ILE C 106 -18.51 -8.23 -18.16
C ILE C 106 -19.47 -9.11 -18.95
N LYS C 107 -20.77 -8.84 -18.82
CA LYS C 107 -21.77 -9.55 -19.59
C LYS C 107 -21.86 -8.96 -20.99
N ARG C 108 -22.41 -9.76 -21.91
CA ARG C 108 -22.25 -9.50 -23.32
C ARG C 108 -23.35 -10.21 -24.10
N ALA C 109 -23.59 -9.73 -25.32
CA ALA C 109 -24.39 -10.49 -26.25
C ALA C 109 -23.58 -11.69 -26.75
N ASP C 110 -24.31 -12.72 -27.18
CA ASP C 110 -23.64 -13.92 -27.66
C ASP C 110 -22.74 -13.60 -28.84
N ALA C 111 -21.67 -14.38 -28.99
CA ALA C 111 -20.73 -14.23 -30.10
C ALA C 111 -20.33 -15.62 -30.55
N ALA C 112 -20.51 -15.91 -31.83
CA ALA C 112 -20.16 -17.23 -32.35
C ALA C 112 -18.66 -17.28 -32.70
N PRO C 113 -17.97 -18.35 -32.33
CA PRO C 113 -16.52 -18.41 -32.60
C PRO C 113 -16.22 -18.48 -34.10
N THR C 114 -15.15 -17.78 -34.49
CA THR C 114 -14.54 -17.96 -35.80
C THR C 114 -13.48 -19.04 -35.68
N VAL C 115 -13.67 -20.14 -36.41
CA VAL C 115 -12.82 -21.32 -36.28
C VAL C 115 -11.88 -21.39 -37.48
N SER C 116 -10.60 -21.57 -37.22
CA SER C 116 -9.58 -21.67 -38.26
C SER C 116 -8.66 -22.83 -37.93
N ILE C 117 -8.40 -23.68 -38.92
CA ILE C 117 -7.52 -24.84 -38.75
C ILE C 117 -6.28 -24.64 -39.61
N PHE C 118 -5.15 -25.15 -39.12
CA PHE C 118 -3.87 -24.95 -39.77
C PHE C 118 -3.07 -26.24 -39.79
N PRO C 119 -2.75 -26.79 -40.96
CA PRO C 119 -1.89 -27.98 -41.01
C PRO C 119 -0.48 -27.63 -40.55
N PRO C 120 0.32 -28.63 -40.19
CA PRO C 120 1.71 -28.36 -39.82
C PRO C 120 2.46 -27.68 -40.95
N SER C 121 3.24 -26.66 -40.59
CA SER C 121 4.05 -25.97 -41.59
C SER C 121 5.05 -26.93 -42.22
N SER C 122 5.41 -26.64 -43.46
CA SER C 122 6.44 -27.43 -44.13
C SER C 122 7.80 -27.29 -43.47
N GLU C 123 7.97 -26.34 -42.54
CA GLU C 123 9.22 -26.20 -41.81
C GLU C 123 9.30 -27.17 -40.64
N GLN C 124 8.20 -27.32 -39.90
CA GLN C 124 8.20 -28.24 -38.76
C GLN C 124 8.36 -29.69 -39.21
N LEU C 125 7.75 -30.05 -40.33
CA LEU C 125 7.78 -31.45 -40.76
C LEU C 125 9.21 -31.94 -40.99
N THR C 126 10.12 -31.05 -41.38
CA THR C 126 11.50 -31.47 -41.57
C THR C 126 12.18 -31.84 -40.27
N SER C 127 11.68 -31.33 -39.14
CA SER C 127 12.24 -31.63 -37.82
C SER C 127 11.67 -32.92 -37.23
N GLY C 128 10.79 -33.62 -37.94
CA GLY C 128 10.20 -34.84 -37.45
C GLY C 128 8.91 -34.66 -36.68
N GLY C 129 8.53 -33.42 -36.37
CA GLY C 129 7.31 -33.15 -35.64
C GLY C 129 6.22 -32.62 -36.55
N ALA C 130 4.98 -32.69 -36.06
CA ALA C 130 3.83 -32.23 -36.82
C ALA C 130 2.75 -31.78 -35.84
N SER C 131 2.43 -30.49 -35.87
CA SER C 131 1.41 -29.91 -35.02
C SER C 131 0.26 -29.38 -35.86
N VAL C 132 -0.96 -29.68 -35.43
CA VAL C 132 -2.18 -29.16 -36.06
C VAL C 132 -2.79 -28.16 -35.10
N VAL C 133 -2.92 -26.91 -35.53
CA VAL C 133 -3.40 -25.83 -34.69
C VAL C 133 -4.81 -25.46 -35.13
N CYS C 134 -5.65 -25.14 -34.14
CA CYS C 134 -7.05 -24.80 -34.37
C CYS C 134 -7.40 -23.60 -33.49
N PHE C 135 -7.72 -22.48 -34.11
CA PHE C 135 -8.10 -21.27 -33.38
C PHE C 135 -9.61 -21.16 -33.32
N LEU C 136 -10.12 -20.78 -32.15
CA LEU C 136 -11.55 -20.51 -31.94
C LEU C 136 -11.62 -19.13 -31.28
N ASN C 137 -11.92 -18.11 -32.07
CA ASN C 137 -11.70 -16.72 -31.65
C ASN C 137 -13.01 -15.96 -31.48
N ASN C 138 -13.04 -15.11 -30.46
CA ASN C 138 -14.05 -14.08 -30.32
C ASN C 138 -15.44 -14.65 -30.08
N PHE C 139 -15.61 -15.48 -29.05
CA PHE C 139 -16.89 -16.08 -28.74
C PHE C 139 -17.35 -15.69 -27.34
N TYR C 140 -18.66 -15.76 -27.15
CA TYR C 140 -19.28 -15.53 -25.85
C TYR C 140 -20.61 -16.31 -25.79
N PRO C 141 -20.89 -16.98 -24.66
CA PRO C 141 -20.14 -17.03 -23.40
C PRO C 141 -18.87 -17.89 -23.47
N LYS C 142 -18.13 -17.93 -22.36
CA LYS C 142 -16.80 -18.51 -22.35
C LYS C 142 -16.81 -20.03 -22.44
N ASP C 143 -17.94 -20.67 -22.18
CA ASP C 143 -17.99 -22.12 -22.18
C ASP C 143 -17.91 -22.64 -23.60
N ILE C 144 -16.91 -23.48 -23.89
CA ILE C 144 -16.71 -24.04 -25.21
C ILE C 144 -16.00 -25.37 -25.07
N ASN C 145 -16.31 -26.30 -25.98
CA ASN C 145 -15.68 -27.60 -26.02
C ASN C 145 -15.03 -27.80 -27.39
N VAL C 146 -13.91 -28.52 -27.42
CA VAL C 146 -13.14 -28.75 -28.63
C VAL C 146 -12.79 -30.23 -28.72
N LYS C 147 -13.08 -30.83 -29.87
CA LYS C 147 -12.76 -32.22 -30.13
C LYS C 147 -11.94 -32.32 -31.42
N TRP C 148 -10.89 -33.12 -31.37
CA TRP C 148 -10.11 -33.45 -32.56
C TRP C 148 -10.52 -34.83 -33.06
N LYS C 149 -10.59 -34.97 -34.38
CA LYS C 149 -10.84 -36.25 -35.02
C LYS C 149 -9.81 -36.47 -36.13
N ILE C 150 -9.23 -37.66 -36.15
CA ILE C 150 -8.30 -38.07 -37.20
C ILE C 150 -8.96 -39.20 -37.97
N ASP C 151 -9.27 -38.95 -39.25
CA ASP C 151 -9.99 -39.93 -40.07
C ASP C 151 -11.31 -40.33 -39.42
N GLY C 152 -12.01 -39.33 -38.86
CA GLY C 152 -13.31 -39.55 -38.29
C GLY C 152 -13.34 -40.04 -36.85
N SER C 153 -12.21 -40.44 -36.30
CA SER C 153 -12.14 -40.99 -34.95
C SER C 153 -11.52 -39.95 -34.01
N GLU C 154 -12.16 -39.75 -32.86
CA GLU C 154 -11.68 -38.74 -31.92
C GLU C 154 -10.27 -39.06 -31.44
N ARG C 155 -9.50 -38.00 -31.20
CA ARG C 155 -8.13 -38.11 -30.71
C ARG C 155 -7.99 -37.19 -29.51
N GLN C 156 -7.65 -37.76 -28.36
CA GLN C 156 -7.52 -37.00 -27.12
C GLN C 156 -6.08 -36.86 -26.64
N ASN C 157 -5.22 -37.81 -26.98
CA ASN C 157 -3.81 -37.75 -26.58
C ASN C 157 -3.06 -36.82 -27.53
N GLY C 158 -2.24 -35.95 -26.96
CA GLY C 158 -1.41 -35.05 -27.74
C GLY C 158 -2.00 -33.67 -27.95
N VAL C 159 -3.08 -33.32 -27.24
CA VAL C 159 -3.79 -32.08 -27.44
C VAL C 159 -3.47 -31.16 -26.27
N LEU C 160 -3.06 -29.92 -26.58
CA LEU C 160 -2.79 -28.90 -25.58
C LEU C 160 -3.63 -27.68 -25.91
N ASN C 161 -4.38 -27.19 -24.91
CA ASN C 161 -5.32 -26.10 -25.10
C ASN C 161 -4.87 -24.88 -24.30
N SER C 162 -5.25 -23.71 -24.80
CA SER C 162 -4.91 -22.44 -24.16
C SER C 162 -6.06 -21.46 -24.36
N TRP C 163 -6.36 -20.69 -23.32
CA TRP C 163 -7.49 -19.77 -23.33
C TRP C 163 -7.00 -18.37 -22.98
N THR C 164 -7.52 -17.37 -23.71
CA THR C 164 -7.22 -15.98 -23.41
C THR C 164 -8.10 -15.48 -22.28
N ASP C 165 -7.66 -14.40 -21.64
CA ASP C 165 -8.50 -13.66 -20.74
C ASP C 165 -9.57 -12.91 -21.54
N GLN C 166 -10.66 -12.56 -20.86
CA GLN C 166 -11.73 -11.83 -21.53
C GLN C 166 -11.17 -10.54 -22.14
N ASP C 167 -11.43 -10.35 -23.43
CA ASP C 167 -10.91 -9.19 -24.13
C ASP C 167 -11.42 -7.91 -23.51
N SER C 168 -10.51 -6.95 -23.30
CA SER C 168 -10.88 -5.68 -22.69
C SER C 168 -11.68 -4.80 -23.64
N LYS C 169 -11.63 -5.06 -24.94
CA LYS C 169 -12.28 -4.19 -25.92
C LYS C 169 -13.70 -4.66 -26.25
N ASP C 170 -13.84 -5.91 -26.71
CA ASP C 170 -15.13 -6.43 -27.13
C ASP C 170 -15.68 -7.50 -26.19
N SER C 171 -14.97 -7.82 -25.10
CA SER C 171 -15.50 -8.68 -24.03
C SER C 171 -15.70 -10.12 -24.48
N THR C 172 -14.96 -10.56 -25.50
CA THR C 172 -15.08 -11.94 -25.98
C THR C 172 -13.95 -12.78 -25.40
N TYR C 173 -14.01 -14.08 -25.70
CA TYR C 173 -12.99 -15.04 -25.31
C TYR C 173 -12.46 -15.73 -26.56
N SER C 174 -11.23 -16.23 -26.46
CA SER C 174 -10.61 -16.96 -27.55
C SER C 174 -9.91 -18.18 -27.01
N MET C 175 -9.74 -19.18 -27.88
CA MET C 175 -9.16 -20.46 -27.50
C MET C 175 -8.27 -20.97 -28.62
N SER C 176 -7.19 -21.63 -28.24
CA SER C 176 -6.28 -22.29 -29.17
C SER C 176 -6.08 -23.73 -28.74
N SER C 177 -6.22 -24.65 -29.69
CA SER C 177 -6.02 -26.07 -29.43
C SER C 177 -4.99 -26.59 -30.43
N THR C 178 -3.99 -27.30 -29.93
CA THR C 178 -2.91 -27.84 -30.75
C THR C 178 -2.84 -29.35 -30.59
N LEU C 179 -2.91 -30.05 -31.71
CA LEU C 179 -2.72 -31.50 -31.75
C LEU C 179 -1.32 -31.77 -32.29
N THR C 180 -0.44 -32.27 -31.44
CA THR C 180 0.95 -32.53 -31.81
C THR C 180 1.14 -34.03 -32.01
N LEU C 181 1.62 -34.41 -33.19
CA LEU C 181 1.93 -35.78 -33.54
C LEU C 181 3.38 -35.88 -34.01
N THR C 182 3.84 -37.10 -34.20
CA THR C 182 5.09 -37.31 -34.93
C THR C 182 4.81 -37.20 -36.42
N ARG C 183 5.85 -36.85 -37.18
CA ARG C 183 5.70 -36.79 -38.63
C ARG C 183 5.20 -38.12 -39.18
N ASP C 184 5.70 -39.23 -38.64
CA ASP C 184 5.28 -40.55 -39.12
C ASP C 184 3.79 -40.78 -38.85
N GLU C 185 3.35 -40.54 -37.61
CA GLU C 185 1.94 -40.72 -37.29
C GLU C 185 1.06 -39.76 -38.08
N TYR C 186 1.55 -38.55 -38.33
CA TYR C 186 0.77 -37.58 -39.11
C TYR C 186 0.56 -38.05 -40.53
N GLU C 187 1.53 -38.75 -41.11
CA GLU C 187 1.48 -39.18 -42.50
C GLU C 187 0.74 -40.49 -42.70
N ARG C 188 0.24 -41.11 -41.63
CA ARG C 188 -0.55 -42.33 -41.76
C ARG C 188 -2.05 -42.06 -41.94
N HIS C 189 -2.48 -40.81 -41.76
CA HIS C 189 -3.90 -40.47 -41.80
C HIS C 189 -4.11 -39.29 -42.74
N ASN C 190 -5.32 -39.23 -43.32
CA ASN C 190 -5.65 -38.23 -44.32
C ASN C 190 -6.47 -37.06 -43.77
N SER C 191 -7.55 -37.35 -43.05
CA SER C 191 -8.48 -36.32 -42.63
C SER C 191 -8.16 -35.84 -41.22
N TYR C 192 -8.15 -34.51 -41.05
CA TYR C 192 -7.92 -33.87 -39.76
C TYR C 192 -8.96 -32.78 -39.57
N THR C 193 -9.56 -32.72 -38.38
CA THR C 193 -10.62 -31.76 -38.13
C THR C 193 -10.71 -31.48 -36.64
N CYS C 194 -11.08 -30.24 -36.31
CA CYS C 194 -11.41 -29.84 -34.95
C CYS C 194 -12.87 -29.42 -34.90
N GLU C 195 -13.60 -29.93 -33.91
CA GLU C 195 -15.02 -29.66 -33.75
C GLU C 195 -15.23 -28.75 -32.55
N ALA C 196 -16.00 -27.69 -32.74
CA ALA C 196 -16.28 -26.72 -31.69
C ALA C 196 -17.74 -26.82 -31.27
N THR C 197 -17.97 -27.06 -29.99
CA THR C 197 -19.31 -27.06 -29.41
C THR C 197 -19.50 -25.74 -28.67
N HIS C 198 -20.55 -25.01 -29.04
CA HIS C 198 -20.80 -23.71 -28.42
C HIS C 198 -22.28 -23.40 -28.50
N LYS C 199 -22.74 -22.61 -27.52
CA LYS C 199 -24.17 -22.27 -27.42
C LYS C 199 -24.70 -21.63 -28.69
N THR C 200 -23.86 -20.92 -29.45
CA THR C 200 -24.35 -20.13 -30.57
C THR C 200 -24.69 -20.97 -31.80
N SER C 201 -24.60 -22.29 -31.73
CA SER C 201 -25.00 -23.13 -32.85
C SER C 201 -25.50 -24.46 -32.33
N THR C 202 -26.54 -24.99 -32.98
CA THR C 202 -27.11 -26.28 -32.59
C THR C 202 -26.06 -27.39 -32.71
N SER C 203 -25.45 -27.52 -33.88
CA SER C 203 -24.47 -28.56 -34.12
C SER C 203 -23.06 -27.99 -34.06
N PRO C 204 -22.06 -28.82 -33.76
CA PRO C 204 -20.70 -28.30 -33.62
C PRO C 204 -20.20 -27.65 -34.91
N ILE C 205 -19.34 -26.65 -34.74
CA ILE C 205 -18.68 -26.01 -35.86
C ILE C 205 -17.48 -26.85 -36.25
N VAL C 206 -17.43 -27.28 -37.51
CA VAL C 206 -16.43 -28.22 -37.99
C VAL C 206 -15.52 -27.50 -38.99
N LYS C 207 -14.23 -27.57 -38.75
CA LYS C 207 -13.20 -27.12 -39.69
C LYS C 207 -12.25 -28.28 -39.94
N SER C 208 -11.96 -28.53 -41.21
CA SER C 208 -11.26 -29.75 -41.58
C SER C 208 -10.34 -29.49 -42.77
N PHE C 209 -9.35 -30.37 -42.93
CA PHE C 209 -8.51 -30.36 -44.11
C PHE C 209 -8.05 -31.79 -44.37
N ASN C 210 -7.69 -32.07 -45.62
CA ASN C 210 -7.15 -33.37 -46.02
C ASN C 210 -5.69 -33.22 -46.39
N ARG C 211 -4.87 -34.16 -45.93
CA ARG C 211 -3.43 -34.07 -46.15
C ARG C 211 -3.10 -33.98 -47.63
N ASN C 212 -3.87 -34.64 -48.48
CA ASN C 212 -3.63 -34.60 -49.92
C ASN C 212 -4.34 -33.40 -50.55
C1 NAG D . 22.36 -1.27 13.70
C2 NAG D . 23.42 -0.71 14.64
C3 NAG D . 24.56 -0.17 13.86
C4 NAG D . 25.19 -1.22 13.02
C5 NAG D . 24.18 -1.90 12.11
C6 NAG D . 24.79 -3.16 11.57
C7 NAG D . 22.46 0.05 16.81
C8 NAG D . 21.89 1.16 17.68
N2 NAG D . 22.88 0.35 15.48
O3 NAG D . 25.55 0.37 14.77
O4 NAG D . 26.21 -0.63 12.22
O5 NAG D . 22.92 -2.27 12.77
O6 NAG D . 24.57 -3.25 10.19
O7 NAG D . 22.53 -1.08 17.24
C1 NAG E . 22.90 16.56 41.29
C2 NAG E . 22.99 15.45 42.32
C3 NAG E . 23.70 15.84 43.57
C4 NAG E . 25.00 16.50 43.29
C5 NAG E . 24.84 17.70 42.38
C6 NAG E . 26.19 18.24 42.03
C7 NAG E . 21.25 13.67 42.62
C8 NAG E . 19.83 13.26 42.98
N2 NAG E . 21.64 15.04 42.67
O3 NAG E . 23.94 14.64 44.36
O4 NAG E . 25.58 16.93 44.53
O5 NAG E . 24.13 17.37 41.14
O6 NAG E . 26.97 18.39 43.19
O7 NAG E . 22.05 12.81 42.27
#